data_6CQ2
#
_entry.id   6CQ2
#
_cell.length_a   67.625
_cell.length_b   44.683
_cell.length_c   128.866
_cell.angle_alpha   90.00
_cell.angle_beta   90.61
_cell.angle_gamma   90.00
#
_symmetry.space_group_name_H-M   'P 1 21 1'
#
loop_
_entity.id
_entity.type
_entity.pdbx_description
1 polymer 'DNA topoisomerase 1'
2 polymer "DNA (5'-D(P*TP*TP*CP*CP*GP*CP*TP*TP*GP*A)-3')"
3 non-polymer 'MAGNESIUM ION'
4 non-polymer 'PHOSPHATE ION'
5 water water
#
loop_
_entity_poly.entity_id
_entity_poly.type
_entity_poly.pdbx_seq_one_letter_code
_entity_poly.pdbx_strand_id
1 'polypeptide(L)'
;SNAADPKTKGRGSGGNGSGRRLVIVESPTKARKLASYLGSGYIVESSRGHIRDLPRAASDVPAKYKSQPWARLGVNVDAD
FEPLYIISPEKRSTVSELRGLLKDVDELYLATDGDREGEAIAWHLLETLKPRIPVKRMVFHEITEPAIRAAAEHPRDLDI
DLVDAQETRRILDRLYGYEVSPVLWKKVAPKLSAGRVQSVATRIIVARERDRMAFRSAAYWDILAKLDASVSDPDAAPPT
FSARLTAVAGRRVATGRDFDSLGTLRKGDEVIVLDEGSATALAAGLDGTQLTVASAEEKPYARRPYPPFMTSTLQQEASR
KLRFSAERTMSIAQRLYENGYITYMRTDSTTLSESAINAARTQARQLYGDEYVAPAPRQYTRKVKNAQEAHEAIRPAGET
FATPDAVRRELDGPNIDDFRLYELIWQRTVASQMADARGMTLSLRITGMSGHQEVVFSATGRTLTFPGFLKAYVETVDEL
VGGEADDAERRLPHLTPGQRLDIVELTPDGHATNPPARYTEASLVKALEELGIGRPSTYSSIIKTIQDRGYVHKKGSALV
PSWVAFAVTGLLEQHFGRLVDYDFTAAMEDELDEIAAGNERRTNWLNNFYFGGDHGVPDSVARSGGLKKLVGINLEGIDA
REVNSIKLFDDTHGRPIYVRVGKNGPYLERLVAGDTGEPTPQRANLSDSITPDELTLQVAEELFAT
;
A
2 'polydeoxyribonucleotide' (DT)(DT)(DC)(DC)(DG)(DC)(DT)(DT)(DG)(DA)(DC)(DT)(DT) B
#
# COMPACT_ATOMS: atom_id res chain seq x y z
N SER A 18 -50.88 -4.37 -1.70
CA SER A 18 -50.55 -4.77 -3.07
C SER A 18 -49.52 -5.89 -3.07
N GLY A 19 -48.28 -5.54 -2.74
CA GLY A 19 -47.21 -6.52 -2.72
C GLY A 19 -46.05 -6.13 -1.84
N ARG A 20 -46.00 -6.69 -0.63
CA ARG A 20 -44.92 -6.40 0.31
C ARG A 20 -43.64 -7.07 -0.18
N ARG A 21 -42.68 -6.26 -0.64
CA ARG A 21 -41.43 -6.76 -1.17
C ARG A 21 -40.29 -6.47 -0.21
N LEU A 22 -39.41 -7.46 -0.01
CA LEU A 22 -38.27 -7.33 0.88
C LEU A 22 -37.00 -7.11 0.06
N VAL A 23 -36.26 -6.06 0.38
CA VAL A 23 -35.00 -5.74 -0.28
C VAL A 23 -33.89 -5.82 0.76
N ILE A 24 -32.84 -6.57 0.46
CA ILE A 24 -31.72 -6.78 1.37
C ILE A 24 -30.47 -6.21 0.71
N VAL A 25 -29.83 -5.27 1.39
CA VAL A 25 -28.54 -4.73 0.96
C VAL A 25 -27.49 -5.13 2.00
N GLU A 26 -26.34 -4.47 1.98
CA GLU A 26 -25.27 -4.77 2.92
C GLU A 26 -24.94 -3.64 3.88
N SER A 27 -25.39 -2.41 3.60
CA SER A 27 -25.05 -1.27 4.43
C SER A 27 -26.32 -0.62 4.98
N PRO A 28 -26.40 -0.40 6.29
CA PRO A 28 -27.58 0.31 6.84
C PRO A 28 -27.74 1.72 6.32
N THR A 29 -26.64 2.37 5.92
CA THR A 29 -26.75 3.71 5.35
C THR A 29 -27.54 3.69 4.05
N LYS A 30 -27.42 2.61 3.27
CA LYS A 30 -28.25 2.45 2.09
C LYS A 30 -29.70 2.17 2.45
N ALA A 31 -29.94 1.46 3.57
CA ALA A 31 -31.28 1.05 3.94
C ALA A 31 -32.22 2.24 4.08
N ARG A 32 -31.90 3.16 5.01
CA ARG A 32 -32.73 4.35 5.16
C ARG A 32 -32.74 5.21 3.90
N LYS A 33 -31.65 5.18 3.13
CA LYS A 33 -31.61 5.92 1.88
C LYS A 33 -32.45 5.25 0.81
N LEU A 34 -32.38 3.93 0.71
CA LEU A 34 -33.18 3.21 -0.28
C LEU A 34 -34.67 3.25 0.09
N ALA A 35 -34.98 3.17 1.39
CA ALA A 35 -36.37 3.20 1.83
C ALA A 35 -37.06 4.52 1.55
N SER A 36 -36.32 5.57 1.20
CA SER A 36 -36.92 6.84 0.83
C SER A 36 -37.26 6.91 -0.64
N TYR A 37 -36.35 6.43 -1.52
CA TYR A 37 -36.62 6.43 -2.95
C TYR A 37 -37.57 5.31 -3.37
N LEU A 38 -37.75 4.30 -2.52
CA LEU A 38 -38.70 3.22 -2.81
C LEU A 38 -40.09 3.54 -2.27
N GLY A 39 -40.20 3.77 -0.97
CA GLY A 39 -41.46 4.10 -0.34
C GLY A 39 -42.12 2.91 0.33
N SER A 40 -43.42 3.03 0.53
CA SER A 40 -44.19 1.97 1.16
C SER A 40 -44.23 0.72 0.28
N GLY A 41 -44.51 -0.41 0.92
CA GLY A 41 -44.50 -1.69 0.24
C GLY A 41 -43.14 -2.34 0.17
N TYR A 42 -42.07 -1.56 0.22
CA TYR A 42 -40.70 -2.07 0.20
C TYR A 42 -40.13 -2.06 1.61
N ILE A 43 -39.75 -3.23 2.11
CA ILE A 43 -39.06 -3.37 3.38
C ILE A 43 -37.57 -3.49 3.10
N VAL A 44 -36.80 -2.52 3.57
CA VAL A 44 -35.36 -2.46 3.27
C VAL A 44 -34.61 -2.68 4.57
N GLU A 45 -33.98 -3.86 4.69
CA GLU A 45 -33.12 -4.18 5.81
C GLU A 45 -31.72 -4.49 5.28
N SER A 46 -30.77 -4.64 6.20
CA SER A 46 -29.37 -4.80 5.85
C SER A 46 -28.79 -6.02 6.56
N SER A 47 -27.86 -6.69 5.88
CA SER A 47 -27.18 -7.85 6.44
C SER A 47 -25.87 -7.49 7.14
N ARG A 48 -25.37 -6.27 6.94
CA ARG A 48 -24.12 -5.82 7.57
C ARG A 48 -22.94 -6.71 7.15
N GLY A 49 -22.88 -7.06 5.87
CA GLY A 49 -21.80 -7.89 5.36
C GLY A 49 -22.18 -9.35 5.24
N HIS A 50 -21.27 -10.24 5.61
CA HIS A 50 -21.51 -11.66 5.52
C HIS A 50 -22.34 -12.15 6.70
N ILE A 51 -23.15 -13.18 6.44
CA ILE A 51 -23.97 -13.79 7.49
C ILE A 51 -23.41 -15.16 7.84
N ARG A 52 -22.72 -15.78 6.88
CA ARG A 52 -22.14 -17.10 7.07
C ARG A 52 -20.64 -17.04 6.78
N ASP A 53 -19.91 -17.97 7.39
CA ASP A 53 -18.48 -18.10 7.21
C ASP A 53 -18.07 -19.47 7.73
N LEU A 54 -16.83 -19.84 7.43
CA LEU A 54 -16.30 -21.09 7.94
C LEU A 54 -16.10 -21.00 9.46
N PRO A 55 -16.18 -22.12 10.17
CA PRO A 55 -15.96 -22.09 11.62
C PRO A 55 -14.55 -21.63 11.95
N ARG A 56 -14.46 -20.59 12.78
CA ARG A 56 -13.15 -20.00 13.07
C ARG A 56 -12.27 -20.95 13.87
N ALA A 57 -12.86 -21.72 14.79
CA ALA A 57 -12.12 -22.67 15.60
C ALA A 57 -12.90 -23.97 15.66
N ALA A 58 -12.32 -24.97 16.35
CA ALA A 58 -12.96 -26.27 16.48
C ALA A 58 -14.25 -26.21 17.29
N SER A 59 -14.38 -25.23 18.18
CA SER A 59 -15.60 -25.09 18.98
C SER A 59 -16.80 -24.66 18.13
N ASP A 60 -16.56 -24.00 17.00
CA ASP A 60 -17.64 -23.56 16.12
C ASP A 60 -18.14 -24.67 15.20
N VAL A 61 -17.46 -25.81 15.15
CA VAL A 61 -17.89 -26.91 14.27
C VAL A 61 -19.07 -27.63 14.93
N PRO A 62 -20.11 -27.96 14.19
CA PRO A 62 -21.23 -28.71 14.78
C PRO A 62 -20.77 -30.06 15.30
N ALA A 63 -21.52 -30.59 16.26
CA ALA A 63 -21.11 -31.81 16.94
C ALA A 63 -20.98 -32.99 15.99
N LYS A 64 -21.82 -33.04 14.95
CA LYS A 64 -21.80 -34.15 14.01
C LYS A 64 -20.64 -34.08 13.03
N TYR A 65 -19.76 -33.09 13.15
CA TYR A 65 -18.61 -32.97 12.27
C TYR A 65 -17.28 -32.89 13.03
N LYS A 66 -17.30 -32.77 14.36
CA LYS A 66 -16.06 -32.63 15.10
C LYS A 66 -15.17 -33.86 14.96
N SER A 67 -15.76 -35.04 14.79
CA SER A 67 -14.98 -36.26 14.62
C SER A 67 -14.48 -36.44 13.20
N GLN A 68 -15.04 -35.73 12.23
CA GLN A 68 -14.58 -35.87 10.86
C GLN A 68 -13.14 -35.40 10.74
N PRO A 69 -12.29 -36.09 9.97
CA PRO A 69 -10.85 -35.79 9.97
C PRO A 69 -10.48 -34.48 9.31
N TRP A 70 -11.46 -33.61 9.03
CA TRP A 70 -11.15 -32.30 8.46
C TRP A 70 -11.89 -31.17 9.17
N ALA A 71 -12.35 -31.39 10.40
CA ALA A 71 -13.01 -30.32 11.14
C ALA A 71 -12.04 -29.17 11.43
N ARG A 72 -10.74 -29.46 11.50
CA ARG A 72 -9.75 -28.40 11.69
C ARG A 72 -9.73 -27.45 10.51
N LEU A 73 -9.96 -27.96 9.30
CA LEU A 73 -9.97 -27.14 8.09
C LEU A 73 -11.33 -26.51 7.81
N GLY A 74 -12.40 -27.25 8.05
CA GLY A 74 -13.73 -26.81 7.68
C GLY A 74 -14.11 -27.13 6.24
N VAL A 75 -13.17 -27.56 5.42
CA VAL A 75 -13.42 -27.93 4.04
C VAL A 75 -13.23 -29.42 3.89
N ASN A 76 -14.15 -30.08 3.19
CA ASN A 76 -14.04 -31.51 2.91
C ASN A 76 -13.15 -31.69 1.69
N VAL A 77 -11.84 -31.58 1.92
CA VAL A 77 -10.87 -31.63 0.84
C VAL A 77 -10.86 -32.99 0.15
N ASP A 78 -11.41 -34.03 0.79
CA ASP A 78 -11.46 -35.36 0.20
C ASP A 78 -12.77 -35.63 -0.54
N ALA A 79 -13.65 -34.63 -0.64
CA ALA A 79 -14.93 -34.78 -1.32
C ALA A 79 -15.26 -33.51 -2.11
N ASP A 80 -14.41 -33.21 -3.10
CA ASP A 80 -14.59 -32.08 -4.01
C ASP A 80 -14.66 -30.74 -3.28
N PHE A 81 -13.98 -30.64 -2.14
CA PHE A 81 -13.80 -29.39 -1.41
C PHE A 81 -15.14 -28.77 -1.02
N GLU A 82 -15.92 -29.53 -0.26
CA GLU A 82 -17.22 -29.06 0.22
C GLU A 82 -17.02 -28.32 1.52
N PRO A 83 -17.26 -27.01 1.57
CA PRO A 83 -17.08 -26.26 2.82
C PRO A 83 -18.17 -26.58 3.83
N LEU A 84 -17.98 -26.07 5.04
CA LEU A 84 -18.93 -26.25 6.15
C LEU A 84 -19.36 -24.85 6.60
N TYR A 85 -20.35 -24.31 5.92
CA TYR A 85 -20.82 -22.95 6.18
C TYR A 85 -21.74 -22.95 7.40
N ILE A 86 -21.40 -22.12 8.40
CA ILE A 86 -22.24 -21.94 9.57
C ILE A 86 -22.54 -20.46 9.72
N ILE A 87 -23.61 -20.16 10.45
CA ILE A 87 -23.98 -18.78 10.71
C ILE A 87 -23.01 -18.20 11.73
N SER A 88 -22.32 -17.13 11.35
CA SER A 88 -21.40 -16.47 12.28
C SER A 88 -22.19 -15.94 13.47
N PRO A 89 -21.74 -16.19 14.70
CA PRO A 89 -22.56 -15.84 15.87
C PRO A 89 -22.80 -14.34 16.03
N GLU A 90 -21.96 -13.50 15.43
CA GLU A 90 -22.19 -12.06 15.51
C GLU A 90 -23.41 -11.66 14.68
N LYS A 91 -23.62 -12.31 13.54
CA LYS A 91 -24.76 -12.04 12.66
C LYS A 91 -25.94 -12.95 12.95
N ARG A 92 -26.03 -13.51 14.16
CA ARG A 92 -27.10 -14.46 14.44
C ARG A 92 -28.43 -13.76 14.61
N SER A 93 -28.47 -12.67 15.38
CA SER A 93 -29.72 -11.95 15.58
C SER A 93 -30.22 -11.30 14.28
N THR A 94 -29.31 -10.94 13.37
CA THR A 94 -29.72 -10.37 12.10
C THR A 94 -30.44 -11.40 11.24
N VAL A 95 -30.02 -12.68 11.32
CA VAL A 95 -30.68 -13.72 10.54
C VAL A 95 -32.11 -13.93 11.02
N SER A 96 -32.33 -13.92 12.33
CA SER A 96 -33.67 -14.13 12.86
C SER A 96 -34.62 -13.01 12.47
N GLU A 97 -34.12 -11.78 12.36
CA GLU A 97 -34.98 -10.68 11.96
C GLU A 97 -35.42 -10.82 10.52
N LEU A 98 -34.53 -11.30 9.65
CA LEU A 98 -34.87 -11.44 8.23
C LEU A 98 -35.80 -12.62 8.00
N ARG A 99 -35.62 -13.71 8.75
CA ARG A 99 -36.49 -14.87 8.58
C ARG A 99 -37.94 -14.54 8.93
N GLY A 100 -38.14 -13.68 9.93
CA GLY A 100 -39.49 -13.27 10.28
C GLY A 100 -40.10 -12.33 9.25
N LEU A 101 -39.29 -11.40 8.73
CA LEU A 101 -39.77 -10.51 7.67
C LEU A 101 -40.07 -11.28 6.39
N LEU A 102 -39.39 -12.41 6.17
CA LEU A 102 -39.62 -13.23 5.00
C LEU A 102 -40.98 -13.92 5.03
N LYS A 103 -41.55 -14.13 6.23
CA LYS A 103 -42.83 -14.82 6.35
C LYS A 103 -43.99 -13.96 5.88
N ASP A 104 -43.85 -12.62 5.94
CA ASP A 104 -44.96 -11.73 5.62
C ASP A 104 -44.63 -10.81 4.46
N VAL A 105 -44.06 -11.36 3.38
CA VAL A 105 -43.76 -10.60 2.18
C VAL A 105 -44.14 -11.43 0.96
N ASP A 106 -44.24 -10.77 -0.18
CA ASP A 106 -44.61 -11.41 -1.43
C ASP A 106 -43.42 -11.81 -2.29
N GLU A 107 -42.33 -11.04 -2.25
CA GLU A 107 -41.14 -11.36 -3.02
C GLU A 107 -39.91 -10.95 -2.23
N LEU A 108 -38.76 -11.51 -2.63
CA LEU A 108 -37.48 -11.23 -2.00
C LEU A 108 -36.52 -10.66 -3.04
N TYR A 109 -35.96 -9.50 -2.74
CA TYR A 109 -34.99 -8.84 -3.61
C TYR A 109 -33.62 -8.91 -2.98
N LEU A 110 -32.69 -9.59 -3.66
CA LEU A 110 -31.30 -9.69 -3.19
C LEU A 110 -30.51 -8.57 -3.86
N ALA A 111 -30.40 -7.44 -3.16
CA ALA A 111 -29.78 -6.24 -3.68
C ALA A 111 -28.44 -5.96 -3.00
N THR A 112 -27.62 -6.99 -2.84
CA THR A 112 -26.28 -6.82 -2.28
C THR A 112 -25.39 -6.17 -3.33
N ASP A 113 -24.10 -6.06 -3.02
CA ASP A 113 -23.16 -5.45 -3.95
C ASP A 113 -23.04 -6.29 -5.22
N GLY A 114 -22.38 -5.71 -6.23
CA GLY A 114 -22.27 -6.35 -7.52
C GLY A 114 -20.89 -6.89 -7.82
N ASP A 115 -20.18 -7.35 -6.78
CA ASP A 115 -18.86 -7.90 -6.92
C ASP A 115 -18.88 -9.39 -6.56
N ARG A 116 -17.69 -9.98 -6.44
CA ARG A 116 -17.59 -11.41 -6.16
C ARG A 116 -18.05 -11.73 -4.75
N GLU A 117 -17.61 -10.94 -3.77
CA GLU A 117 -18.02 -11.18 -2.39
C GLU A 117 -19.50 -10.86 -2.18
N GLY A 118 -20.00 -9.83 -2.87
CA GLY A 118 -21.40 -9.48 -2.74
C GLY A 118 -22.34 -10.49 -3.35
N GLU A 119 -21.91 -11.15 -4.43
CA GLU A 119 -22.75 -12.16 -5.06
C GLU A 119 -22.86 -13.41 -4.19
N ALA A 120 -21.80 -13.75 -3.46
CA ALA A 120 -21.86 -14.91 -2.58
C ALA A 120 -22.76 -14.65 -1.38
N ILE A 121 -22.81 -13.41 -0.90
CA ILE A 121 -23.71 -13.07 0.20
C ILE A 121 -25.16 -13.30 -0.21
N ALA A 122 -25.53 -12.91 -1.43
CA ALA A 122 -26.87 -13.19 -1.92
C ALA A 122 -27.14 -14.68 -1.97
N TRP A 123 -26.15 -15.47 -2.40
CA TRP A 123 -26.31 -16.92 -2.36
C TRP A 123 -26.36 -17.44 -0.93
N HIS A 124 -25.57 -16.84 -0.03
CA HIS A 124 -25.64 -17.21 1.38
C HIS A 124 -27.00 -16.84 1.96
N LEU A 125 -27.57 -15.71 1.52
CA LEU A 125 -28.91 -15.35 1.97
C LEU A 125 -29.96 -16.33 1.46
N LEU A 126 -29.76 -16.90 0.28
CA LEU A 126 -30.68 -17.91 -0.22
C LEU A 126 -30.60 -19.19 0.61
N GLU A 127 -29.38 -19.68 0.85
CA GLU A 127 -29.21 -20.92 1.61
C GLU A 127 -29.64 -20.76 3.06
N THR A 128 -29.60 -19.54 3.60
CA THR A 128 -29.92 -19.30 5.00
C THR A 128 -31.41 -19.04 5.20
N LEU A 129 -31.98 -18.15 4.39
CA LEU A 129 -33.40 -17.81 4.54
C LEU A 129 -34.30 -18.92 4.00
N LYS A 130 -33.91 -19.53 2.88
CA LYS A 130 -34.67 -20.55 2.18
C LYS A 130 -36.09 -20.07 1.91
N PRO A 131 -36.28 -19.11 1.01
CA PRO A 131 -37.62 -18.58 0.75
C PRO A 131 -38.40 -19.42 -0.23
N ARG A 132 -39.72 -19.33 -0.12
CA ARG A 132 -40.64 -19.97 -1.04
C ARG A 132 -41.25 -19.00 -2.03
N ILE A 133 -40.96 -17.70 -1.89
CA ILE A 133 -41.47 -16.66 -2.75
C ILE A 133 -40.45 -16.41 -3.86
N PRO A 134 -40.83 -15.75 -4.97
CA PRO A 134 -39.85 -15.46 -6.01
C PRO A 134 -38.69 -14.62 -5.50
N VAL A 135 -37.51 -14.84 -6.09
CA VAL A 135 -36.30 -14.13 -5.72
C VAL A 135 -35.75 -13.46 -6.97
N LYS A 136 -35.41 -12.17 -6.86
CA LYS A 136 -34.82 -11.41 -7.94
C LYS A 136 -33.48 -10.83 -7.48
N ARG A 137 -32.50 -10.91 -8.36
CA ARG A 137 -31.15 -10.42 -8.08
C ARG A 137 -30.88 -9.21 -8.96
N MET A 138 -30.83 -8.03 -8.35
CA MET A 138 -30.44 -6.81 -9.04
C MET A 138 -29.46 -6.03 -8.17
N VAL A 139 -28.72 -5.13 -8.81
CA VAL A 139 -27.65 -4.37 -8.16
C VAL A 139 -27.96 -2.89 -8.28
N PHE A 140 -27.78 -2.17 -7.18
CA PHE A 140 -27.99 -0.73 -7.12
C PHE A 140 -26.64 -0.03 -7.00
N HIS A 141 -26.26 0.74 -8.01
CA HIS A 141 -25.05 1.54 -7.96
C HIS A 141 -25.39 2.99 -7.65
N GLU A 142 -25.97 3.70 -8.61
CA GLU A 142 -26.50 5.02 -8.35
C GLU A 142 -27.75 4.91 -7.49
N ILE A 143 -27.89 5.84 -6.54
CA ILE A 143 -29.05 5.89 -5.68
C ILE A 143 -29.92 7.03 -6.19
N THR A 144 -30.78 6.71 -7.16
CA THR A 144 -31.72 7.66 -7.73
C THR A 144 -32.98 6.91 -8.11
N GLU A 145 -34.06 7.67 -8.37
CA GLU A 145 -35.29 7.05 -8.82
C GLU A 145 -35.16 6.36 -10.17
N PRO A 146 -34.46 6.91 -11.17
CA PRO A 146 -34.27 6.14 -12.41
C PRO A 146 -33.38 4.92 -12.22
N ALA A 147 -32.30 5.04 -11.44
CA ALA A 147 -31.42 3.89 -11.22
C ALA A 147 -32.10 2.80 -10.40
N ILE A 148 -33.02 3.18 -9.53
CA ILE A 148 -33.77 2.18 -8.76
C ILE A 148 -34.79 1.49 -9.67
N ARG A 149 -35.45 2.25 -10.54
CA ARG A 149 -36.42 1.67 -11.46
C ARG A 149 -35.78 0.93 -12.63
N ALA A 150 -34.48 1.12 -12.86
CA ALA A 150 -33.81 0.46 -13.98
C ALA A 150 -33.40 -0.96 -13.62
N ALA A 151 -32.74 -1.14 -12.47
CA ALA A 151 -32.28 -2.47 -12.09
C ALA A 151 -33.42 -3.33 -11.58
N ALA A 152 -34.44 -2.74 -10.97
CA ALA A 152 -35.56 -3.52 -10.43
C ALA A 152 -36.45 -4.04 -11.55
N GLU A 153 -36.75 -3.20 -12.54
CA GLU A 153 -37.59 -3.63 -13.65
C GLU A 153 -36.88 -4.59 -14.58
N HIS A 154 -35.54 -4.65 -14.53
CA HIS A 154 -34.74 -5.55 -15.35
C HIS A 154 -33.87 -6.37 -14.43
N PRO A 155 -34.42 -7.43 -13.82
CA PRO A 155 -33.64 -8.23 -12.85
C PRO A 155 -32.57 -9.09 -13.49
N ARG A 156 -32.10 -10.08 -12.75
CA ARG A 156 -31.00 -10.92 -13.20
C ARG A 156 -31.01 -12.21 -12.38
N ASP A 157 -30.24 -13.19 -12.85
CA ASP A 157 -30.07 -14.46 -12.15
C ASP A 157 -28.80 -14.44 -11.32
N LEU A 158 -28.70 -15.40 -10.41
CA LEU A 158 -27.55 -15.50 -9.52
C LEU A 158 -26.37 -16.07 -10.29
N ASP A 159 -25.29 -15.30 -10.38
CA ASP A 159 -24.08 -15.74 -11.08
C ASP A 159 -23.41 -16.84 -10.27
N ILE A 160 -23.67 -18.10 -10.62
CA ILE A 160 -23.09 -19.21 -9.90
C ILE A 160 -21.58 -19.25 -10.09
N ASP A 161 -21.10 -18.82 -11.27
CA ASP A 161 -19.66 -18.78 -11.52
C ASP A 161 -18.95 -17.83 -10.57
N LEU A 162 -19.61 -16.73 -10.18
CA LEU A 162 -19.02 -15.82 -9.21
C LEU A 162 -18.99 -16.43 -7.82
N VAL A 163 -20.04 -17.16 -7.44
CA VAL A 163 -20.07 -17.80 -6.13
C VAL A 163 -19.00 -18.88 -6.03
N ASP A 164 -18.82 -19.65 -7.10
CA ASP A 164 -17.75 -20.66 -7.11
C ASP A 164 -16.38 -20.02 -7.07
N ALA A 165 -16.23 -18.81 -7.62
CA ALA A 165 -14.95 -18.11 -7.54
C ALA A 165 -14.71 -17.56 -6.14
N GLN A 166 -15.77 -17.08 -5.48
CA GLN A 166 -15.64 -16.62 -4.10
C GLN A 166 -15.31 -17.79 -3.17
N GLU A 167 -16.02 -18.91 -3.34
CA GLU A 167 -15.70 -20.12 -2.57
C GLU A 167 -14.25 -20.53 -2.80
N THR A 168 -13.80 -20.49 -4.06
CA THR A 168 -12.43 -20.88 -4.36
C THR A 168 -11.42 -19.97 -3.69
N ARG A 169 -11.75 -18.68 -3.54
CA ARG A 169 -10.85 -17.77 -2.83
C ARG A 169 -10.89 -18.04 -1.34
N ARG A 170 -12.04 -18.33 -0.81
CA ARG A 170 -12.21 -18.63 0.58
C ARG A 170 -11.52 -19.88 0.98
N ILE A 171 -11.76 -20.94 0.27
CA ILE A 171 -11.12 -22.22 0.57
C ILE A 171 -9.61 -22.13 0.39
N LEU A 172 -9.15 -21.31 -0.56
CA LEU A 172 -7.71 -21.12 -0.75
C LEU A 172 -7.07 -20.52 0.48
N ASP A 173 -7.59 -19.38 0.94
CA ASP A 173 -7.05 -18.72 2.11
C ASP A 173 -7.21 -19.58 3.36
N ARG A 174 -8.22 -20.44 3.39
CA ARG A 174 -8.39 -21.35 4.53
C ARG A 174 -7.32 -22.43 4.52
N LEU A 175 -7.09 -23.06 3.37
CA LEU A 175 -6.06 -24.08 3.27
C LEU A 175 -4.68 -23.48 3.51
N TYR A 176 -4.44 -22.27 3.01
CA TYR A 176 -3.17 -21.60 3.24
C TYR A 176 -2.95 -21.36 4.74
N GLY A 177 -3.91 -20.68 5.38
CA GLY A 177 -3.69 -20.26 6.76
C GLY A 177 -3.67 -21.42 7.74
N TYR A 178 -4.64 -22.32 7.62
CA TYR A 178 -4.82 -23.37 8.62
C TYR A 178 -3.93 -24.58 8.40
N GLU A 179 -3.15 -24.61 7.32
CA GLU A 179 -2.18 -25.68 7.09
C GLU A 179 -0.73 -25.22 7.23
N VAL A 180 -0.44 -23.96 6.91
CA VAL A 180 0.92 -23.46 7.02
C VAL A 180 1.22 -22.91 8.42
N SER A 181 0.21 -22.39 9.11
CA SER A 181 0.42 -21.94 10.49
C SER A 181 0.89 -23.06 11.41
N PRO A 182 0.37 -24.29 11.33
CA PRO A 182 0.96 -25.37 12.16
C PRO A 182 2.43 -25.62 11.88
N VAL A 183 2.93 -25.28 10.69
CA VAL A 183 4.36 -25.40 10.43
C VAL A 183 5.14 -24.43 11.29
N LEU A 184 4.63 -23.20 11.46
CA LEU A 184 5.28 -22.24 12.33
C LEU A 184 5.22 -22.66 13.79
N TRP A 185 4.16 -23.39 14.17
CA TRP A 185 4.03 -23.82 15.56
C TRP A 185 5.04 -24.90 15.93
N LYS A 186 5.50 -25.67 14.94
CA LYS A 186 6.48 -26.72 15.17
C LYS A 186 7.91 -26.30 14.84
N LYS A 187 8.11 -25.12 14.25
CA LYS A 187 9.44 -24.66 13.89
C LYS A 187 9.83 -23.33 14.50
N VAL A 188 8.88 -22.50 14.91
CA VAL A 188 9.19 -21.19 15.46
C VAL A 188 8.64 -21.08 16.88
N ALA A 189 7.36 -20.73 17.00
CA ALA A 189 6.73 -20.51 18.28
C ALA A 189 5.23 -20.76 18.15
N PRO A 190 4.56 -21.15 19.22
CA PRO A 190 3.12 -21.41 19.15
C PRO A 190 2.33 -20.13 18.94
N LYS A 191 1.05 -20.31 18.56
CA LYS A 191 0.08 -19.25 18.34
C LYS A 191 0.49 -18.29 17.22
N LEU A 192 1.49 -18.65 16.41
CA LEU A 192 1.88 -17.81 15.30
C LEU A 192 0.97 -18.07 14.10
N SER A 193 0.91 -17.09 13.20
CA SER A 193 0.00 -17.12 12.07
C SER A 193 0.77 -16.98 10.76
N ALA A 194 0.13 -17.42 9.69
CA ALA A 194 0.67 -17.30 8.33
C ALA A 194 -0.50 -17.23 7.36
N GLY A 195 -0.47 -16.24 6.47
CA GLY A 195 -1.57 -16.03 5.55
C GLY A 195 -1.08 -15.58 4.19
N ARG A 196 -2.00 -15.63 3.22
CA ARG A 196 -1.68 -15.19 1.87
C ARG A 196 -1.41 -13.69 1.80
N VAL A 197 -1.90 -12.92 2.75
CA VAL A 197 -1.75 -11.47 2.76
C VAL A 197 -0.80 -11.00 3.87
N GLN A 198 -0.97 -11.54 5.08
CA GLN A 198 -0.17 -11.07 6.20
C GLN A 198 1.28 -11.54 6.08
N SER A 199 1.51 -12.75 5.56
CA SER A 199 2.88 -13.23 5.42
C SER A 199 3.63 -12.48 4.33
N VAL A 200 2.92 -12.07 3.28
CA VAL A 200 3.58 -11.32 2.21
C VAL A 200 3.83 -9.88 2.63
N ALA A 201 2.90 -9.29 3.40
CA ALA A 201 3.13 -7.95 3.91
C ALA A 201 4.28 -7.94 4.91
N THR A 202 4.40 -8.99 5.71
CA THR A 202 5.57 -9.12 6.60
C THR A 202 6.83 -9.35 5.80
N ARG A 203 6.75 -10.14 4.72
CA ARG A 203 7.91 -10.41 3.88
C ARG A 203 8.44 -9.13 3.24
N ILE A 204 7.58 -8.15 3.01
CA ILE A 204 8.03 -6.89 2.42
C ILE A 204 8.82 -6.07 3.44
N ILE A 205 8.29 -5.95 4.66
CA ILE A 205 8.95 -5.16 5.69
C ILE A 205 10.25 -5.82 6.12
N VAL A 206 10.27 -7.16 6.15
CA VAL A 206 11.50 -7.87 6.48
C VAL A 206 12.54 -7.66 5.38
N ALA A 207 12.12 -7.73 4.12
CA ALA A 207 13.06 -7.55 3.01
C ALA A 207 13.68 -6.17 3.03
N ARG A 208 12.91 -5.14 3.40
CA ARG A 208 13.46 -3.79 3.48
C ARG A 208 14.47 -3.67 4.60
N GLU A 209 14.22 -4.31 5.74
CA GLU A 209 15.18 -4.28 6.84
C GLU A 209 16.49 -4.96 6.44
N ARG A 210 16.40 -6.06 5.69
CA ARG A 210 17.61 -6.71 5.19
C ARG A 210 18.41 -5.79 4.30
N ASP A 211 17.73 -4.92 3.53
CA ASP A 211 18.44 -3.96 2.70
C ASP A 211 19.21 -2.96 3.54
N ARG A 212 18.64 -2.56 4.69
CA ARG A 212 19.34 -1.63 5.56
C ARG A 212 20.44 -2.31 6.35
N MET A 213 20.31 -3.61 6.63
CA MET A 213 21.34 -4.34 7.33
C MET A 213 22.55 -4.61 6.44
N ALA A 214 22.30 -4.92 5.16
CA ALA A 214 23.38 -5.16 4.20
C ALA A 214 23.77 -3.90 3.44
N PHE A 215 23.55 -2.73 4.03
CA PHE A 215 23.88 -1.46 3.39
C PHE A 215 25.19 -0.94 3.94
N ARG A 216 26.12 -0.61 3.04
CA ARG A 216 27.40 0.01 3.40
C ARG A 216 27.43 1.40 2.78
N SER A 217 27.53 2.42 3.63
CA SER A 217 27.51 3.79 3.15
C SER A 217 28.86 4.16 2.52
N ALA A 218 28.84 5.22 1.71
CA ALA A 218 30.03 5.69 1.02
C ALA A 218 29.99 7.21 0.98
N ALA A 219 31.12 7.84 1.29
CA ALA A 219 31.21 9.29 1.33
C ALA A 219 31.68 9.84 0.00
N TYR A 220 31.12 10.99 -0.39
CA TYR A 220 31.49 11.66 -1.63
C TYR A 220 31.39 13.16 -1.42
N TRP A 221 32.19 13.90 -2.19
CA TRP A 221 32.29 15.35 -2.05
C TRP A 221 32.03 16.02 -3.40
N ASP A 222 31.65 17.29 -3.34
CA ASP A 222 31.55 18.16 -4.50
C ASP A 222 31.68 19.61 -4.02
N ILE A 223 31.38 20.56 -4.92
CA ILE A 223 31.53 21.98 -4.63
C ILE A 223 30.19 22.67 -4.84
N LEU A 224 29.76 23.45 -3.86
CA LEU A 224 28.58 24.28 -3.95
C LEU A 224 29.01 25.72 -4.18
N ALA A 225 28.63 26.29 -5.31
CA ALA A 225 29.10 27.61 -5.73
C ALA A 225 27.91 28.54 -5.95
N LYS A 226 27.92 29.67 -5.25
CA LYS A 226 26.97 30.74 -5.50
C LYS A 226 27.55 31.68 -6.55
N LEU A 227 26.76 32.04 -7.54
CA LEU A 227 27.22 32.82 -8.67
C LEU A 227 26.46 34.14 -8.76
N ASP A 228 26.93 35.00 -9.66
CA ASP A 228 26.35 36.31 -9.88
C ASP A 228 26.33 36.61 -11.36
N ALA A 229 25.21 37.14 -11.84
CA ALA A 229 25.05 37.49 -13.25
C ALA A 229 24.70 38.96 -13.47
N SER A 230 24.63 39.77 -12.41
CA SER A 230 24.29 41.17 -12.55
C SER A 230 25.41 41.99 -13.19
N VAL A 231 26.60 41.41 -13.36
CA VAL A 231 27.68 42.13 -14.03
C VAL A 231 27.40 42.21 -15.54
N SER A 232 27.22 41.05 -16.17
CA SER A 232 26.95 40.99 -17.60
C SER A 232 25.51 41.34 -17.96
N ASP A 233 24.61 41.40 -16.97
CA ASP A 233 23.22 41.74 -17.21
C ASP A 233 22.57 42.20 -15.91
N PRO A 234 22.54 43.51 -15.64
CA PRO A 234 21.86 43.98 -14.42
C PRO A 234 20.38 43.63 -14.39
N ASP A 235 19.70 43.74 -15.53
CA ASP A 235 18.30 43.36 -15.65
C ASP A 235 18.21 41.84 -15.67
N ALA A 236 18.37 41.24 -14.49
CA ALA A 236 18.33 39.79 -14.35
C ALA A 236 17.69 39.42 -13.03
N ALA A 237 16.89 38.36 -13.04
CA ALA A 237 16.18 37.93 -11.84
C ALA A 237 16.10 36.40 -11.78
N PRO A 238 16.64 35.77 -10.73
CA PRO A 238 17.37 36.44 -9.64
C PRO A 238 18.80 36.77 -10.04
N PRO A 239 19.40 37.79 -9.41
CA PRO A 239 20.78 38.13 -9.75
C PRO A 239 21.78 37.06 -9.34
N THR A 240 21.48 36.28 -8.30
CA THR A 240 22.35 35.23 -7.83
C THR A 240 21.62 33.90 -7.79
N PHE A 241 22.40 32.81 -7.87
CA PHE A 241 21.85 31.47 -7.78
C PHE A 241 22.99 30.52 -7.39
N SER A 242 22.62 29.30 -7.02
CA SER A 242 23.56 28.30 -6.56
C SER A 242 23.67 27.16 -7.57
N ALA A 243 24.87 26.61 -7.69
CA ALA A 243 25.15 25.50 -8.60
C ALA A 243 26.07 24.51 -7.91
N ARG A 244 26.20 23.33 -8.53
CA ARG A 244 27.02 22.26 -7.98
C ARG A 244 27.95 21.71 -9.05
N LEU A 245 29.03 21.08 -8.58
CA LEU A 245 30.04 20.52 -9.49
C LEU A 245 29.54 19.20 -10.07
N THR A 246 29.75 19.03 -11.38
CA THR A 246 29.24 17.88 -12.11
C THR A 246 30.32 17.09 -12.84
N ALA A 247 31.28 17.76 -13.46
CA ALA A 247 32.33 17.08 -14.19
C ALA A 247 33.66 17.80 -13.97
N VAL A 248 34.73 17.01 -13.85
CA VAL A 248 36.08 17.53 -13.73
C VAL A 248 36.95 16.80 -14.76
N ALA A 249 37.46 17.55 -15.73
CA ALA A 249 38.30 17.00 -16.79
C ALA A 249 37.58 15.90 -17.57
N GLY A 250 36.36 16.20 -18.02
CA GLY A 250 35.60 15.27 -18.81
C GLY A 250 35.21 14.00 -18.08
N ARG A 251 35.11 14.05 -16.75
CA ARG A 251 34.79 12.89 -15.95
C ARG A 251 33.73 13.28 -14.92
N ARG A 252 32.64 12.53 -14.89
CA ARG A 252 31.49 12.85 -14.06
C ARG A 252 31.84 12.80 -12.58
N VAL A 253 31.25 13.70 -11.81
CA VAL A 253 31.40 13.72 -10.36
C VAL A 253 30.35 12.78 -9.75
N ALA A 254 30.80 11.83 -8.95
CA ALA A 254 29.91 10.82 -8.41
C ALA A 254 28.93 11.44 -7.42
N THR A 255 27.68 10.96 -7.47
CA THR A 255 26.67 11.35 -6.49
C THR A 255 26.13 10.09 -5.81
N GLY A 256 24.87 10.13 -5.36
CA GLY A 256 24.29 8.98 -4.70
C GLY A 256 23.98 7.85 -5.65
N ARG A 257 23.55 8.18 -6.87
CA ARG A 257 23.14 7.15 -7.82
C ARG A 257 24.30 6.33 -8.37
N ASP A 258 25.53 6.75 -8.15
CA ASP A 258 26.69 6.04 -8.67
C ASP A 258 27.24 5.00 -7.72
N PHE A 259 26.84 5.00 -6.45
CA PHE A 259 27.23 4.00 -5.49
C PHE A 259 26.13 2.96 -5.33
N ASP A 260 26.53 1.70 -5.14
CA ASP A 260 25.56 0.63 -4.94
C ASP A 260 25.32 0.44 -3.44
N SER A 261 24.67 -0.67 -3.07
CA SER A 261 24.34 -0.94 -1.68
C SER A 261 25.55 -1.27 -0.83
N LEU A 262 26.70 -1.58 -1.44
CA LEU A 262 27.89 -1.98 -0.70
C LEU A 262 29.00 -0.94 -0.75
N GLY A 263 28.68 0.29 -1.16
CA GLY A 263 29.66 1.36 -1.17
C GLY A 263 30.53 1.44 -2.41
N THR A 264 30.55 0.40 -3.25
CA THR A 264 31.36 0.43 -4.45
C THR A 264 30.67 1.23 -5.55
N LEU A 265 31.40 1.46 -6.63
CA LEU A 265 30.89 2.24 -7.76
C LEU A 265 30.17 1.34 -8.75
N ARG A 266 29.11 1.87 -9.35
CA ARG A 266 28.35 1.15 -10.36
C ARG A 266 28.86 1.44 -11.77
N LYS A 267 29.11 2.71 -12.08
CA LYS A 267 29.57 3.09 -13.41
C LYS A 267 30.98 2.62 -13.71
N GLY A 268 31.70 2.10 -12.71
CA GLY A 268 33.04 1.59 -12.92
C GLY A 268 34.05 2.70 -13.18
N ASP A 269 34.67 2.66 -14.36
CA ASP A 269 35.68 3.66 -14.72
C ASP A 269 35.03 4.78 -15.54
N GLU A 270 34.07 5.45 -14.90
CA GLU A 270 33.30 6.50 -15.54
C GLU A 270 33.16 7.77 -14.70
N VAL A 271 33.31 7.69 -13.39
CA VAL A 271 33.11 8.85 -12.51
C VAL A 271 34.32 9.00 -11.60
N ILE A 272 34.43 10.20 -11.01
CA ILE A 272 35.44 10.48 -10.00
C ILE A 272 34.77 10.51 -8.64
N VAL A 273 35.55 10.27 -7.60
CA VAL A 273 35.08 10.33 -6.22
C VAL A 273 35.97 11.35 -5.51
N LEU A 274 35.51 12.60 -5.45
CA LEU A 274 36.28 13.65 -4.81
C LEU A 274 36.23 13.50 -3.29
N ASP A 275 37.36 13.73 -2.64
CA ASP A 275 37.45 13.70 -1.19
C ASP A 275 37.53 15.12 -0.65
N GLU A 276 37.80 15.25 0.65
CA GLU A 276 37.84 16.57 1.28
C GLU A 276 39.00 17.40 0.73
N GLY A 277 40.23 16.86 0.80
CA GLY A 277 41.37 17.58 0.28
C GLY A 277 41.33 17.77 -1.23
N SER A 278 40.72 16.82 -1.93
CA SER A 278 40.60 16.95 -3.39
C SER A 278 39.64 18.06 -3.77
N ALA A 279 38.51 18.18 -3.07
CA ALA A 279 37.52 19.19 -3.42
C ALA A 279 37.96 20.58 -2.96
N THR A 280 38.59 20.69 -1.78
CA THR A 280 39.08 21.98 -1.32
C THR A 280 40.22 22.50 -2.17
N ALA A 281 40.93 21.62 -2.89
CA ALA A 281 41.95 22.08 -3.81
C ALA A 281 41.34 22.63 -5.10
N LEU A 282 40.28 21.98 -5.60
CA LEU A 282 39.59 22.50 -6.78
C LEU A 282 38.87 23.81 -6.46
N ALA A 283 38.34 23.96 -5.25
CA ALA A 283 37.73 25.21 -4.85
C ALA A 283 38.77 26.28 -4.54
N ALA A 284 39.98 25.87 -4.15
CA ALA A 284 41.03 26.84 -3.90
C ALA A 284 41.50 27.47 -5.19
N GLY A 285 41.93 26.66 -6.15
CA GLY A 285 42.39 27.15 -7.42
C GLY A 285 41.28 27.42 -8.41
N LEU A 286 40.25 28.15 -7.96
CA LEU A 286 39.11 28.45 -8.81
C LEU A 286 38.56 29.84 -8.50
N ASP A 287 38.57 30.22 -7.23
CA ASP A 287 38.04 31.51 -6.83
C ASP A 287 38.85 32.65 -7.45
N GLY A 288 38.18 33.77 -7.70
CA GLY A 288 38.77 34.87 -8.41
C GLY A 288 38.63 34.81 -9.91
N THR A 289 38.33 33.65 -10.47
CA THR A 289 38.08 33.50 -11.90
C THR A 289 36.60 33.61 -12.19
N GLN A 290 36.27 33.60 -13.48
CA GLN A 290 34.90 33.70 -13.95
C GLN A 290 34.46 32.39 -14.59
N LEU A 291 33.15 32.15 -14.56
CA LEU A 291 32.54 30.99 -15.17
C LEU A 291 31.76 31.40 -16.41
N THR A 292 31.77 30.53 -17.42
CA THR A 292 31.10 30.78 -18.69
C THR A 292 29.92 29.84 -18.83
N VAL A 293 28.77 30.38 -19.25
CA VAL A 293 27.57 29.57 -19.44
C VAL A 293 27.69 28.81 -20.75
N ALA A 294 27.73 27.48 -20.66
CA ALA A 294 27.80 26.66 -21.86
C ALA A 294 26.44 26.56 -22.55
N SER A 295 25.43 26.08 -21.84
CA SER A 295 24.09 25.96 -22.38
C SER A 295 23.07 26.24 -21.28
N ALA A 296 21.87 26.65 -21.70
CA ALA A 296 20.77 26.95 -20.78
C ALA A 296 19.47 26.63 -21.52
N GLU A 297 19.12 25.35 -21.54
CA GLU A 297 17.95 24.88 -22.26
C GLU A 297 16.75 24.80 -21.32
N GLU A 298 15.68 25.50 -21.68
CA GLU A 298 14.43 25.47 -20.94
C GLU A 298 13.44 24.51 -21.60
N LYS A 299 12.45 24.07 -20.83
CA LYS A 299 11.49 23.10 -21.30
C LYS A 299 10.17 23.27 -20.55
N PRO A 300 9.06 23.37 -21.26
CA PRO A 300 7.76 23.52 -20.58
C PRO A 300 7.23 22.19 -20.06
N TYR A 301 6.31 22.28 -19.11
CA TYR A 301 5.66 21.11 -18.56
C TYR A 301 4.24 21.46 -18.12
N ALA A 302 3.44 20.44 -17.86
CA ALA A 302 2.05 20.63 -17.46
C ALA A 302 1.64 19.46 -16.57
N ARG A 303 1.43 19.73 -15.29
CA ARG A 303 1.00 18.71 -14.35
C ARG A 303 -0.50 18.50 -14.45
N ARG A 304 -0.92 17.24 -14.59
CA ARG A 304 -2.34 16.93 -14.56
C ARG A 304 -2.82 16.85 -13.11
N PRO A 305 -4.08 17.22 -12.85
CA PRO A 305 -4.59 17.20 -11.48
C PRO A 305 -4.59 15.79 -10.91
N TYR A 306 -4.49 15.73 -9.59
CA TYR A 306 -4.53 14.44 -8.90
C TYR A 306 -5.91 13.81 -9.04
N PRO A 307 -5.99 12.51 -9.29
CA PRO A 307 -7.28 11.84 -9.38
C PRO A 307 -8.02 11.91 -8.04
N PRO A 308 -9.34 11.77 -8.05
CA PRO A 308 -10.09 11.80 -6.79
C PRO A 308 -9.66 10.68 -5.86
N PHE A 309 -10.11 10.79 -4.61
CA PHE A 309 -9.67 9.87 -3.57
C PHE A 309 -10.34 8.51 -3.73
N MET A 310 -9.53 7.46 -3.71
CA MET A 310 -10.00 6.11 -3.44
C MET A 310 -9.55 5.73 -2.03
N THR A 311 -9.72 4.46 -1.67
CA THR A 311 -9.41 4.05 -0.31
C THR A 311 -7.91 4.14 -0.04
N SER A 312 -7.09 3.69 -0.99
CA SER A 312 -5.64 3.70 -0.77
C SER A 312 -5.09 5.12 -0.67
N THR A 313 -5.43 5.96 -1.65
CA THR A 313 -4.90 7.32 -1.68
C THR A 313 -5.41 8.16 -0.51
N LEU A 314 -6.60 7.86 -0.01
CA LEU A 314 -7.09 8.56 1.18
C LEU A 314 -6.24 8.22 2.40
N GLN A 315 -5.94 6.94 2.59
CA GLN A 315 -5.11 6.54 3.72
C GLN A 315 -3.70 7.08 3.60
N GLN A 316 -3.18 7.20 2.38
CA GLN A 316 -1.82 7.72 2.20
C GLN A 316 -1.75 9.20 2.57
N GLU A 317 -2.63 10.02 2.00
CA GLU A 317 -2.59 11.46 2.26
C GLU A 317 -2.96 11.79 3.71
N ALA A 318 -3.87 11.02 4.29
CA ALA A 318 -4.20 11.23 5.71
C ALA A 318 -3.05 10.83 6.63
N SER A 319 -2.12 10.00 6.14
CA SER A 319 -0.96 9.60 6.91
C SER A 319 0.21 10.57 6.76
N ARG A 320 0.38 11.14 5.57
CA ARG A 320 1.48 12.08 5.35
C ARG A 320 1.15 13.46 5.91
N LYS A 321 -0.05 13.98 5.61
CA LYS A 321 -0.42 15.32 6.03
C LYS A 321 -1.01 15.32 7.44
N LEU A 322 -2.14 14.66 7.63
CA LEU A 322 -2.85 14.67 8.92
C LEU A 322 -2.26 13.71 9.94
N ARG A 323 -1.25 12.91 9.55
CA ARG A 323 -0.58 11.96 10.45
C ARG A 323 -1.55 10.94 11.04
N PHE A 324 -2.65 10.68 10.35
CA PHE A 324 -3.59 9.67 10.81
C PHE A 324 -3.08 8.27 10.47
N SER A 325 -3.46 7.31 11.30
CA SER A 325 -3.18 5.91 11.01
C SER A 325 -4.27 5.34 10.10
N ALA A 326 -4.04 4.12 9.62
CA ALA A 326 -5.04 3.49 8.76
C ALA A 326 -6.36 3.28 9.48
N GLU A 327 -6.30 2.83 10.74
CA GLU A 327 -7.52 2.67 11.52
C GLU A 327 -8.13 4.01 11.87
N ARG A 328 -7.31 5.02 12.12
CA ARG A 328 -7.83 6.34 12.46
C ARG A 328 -8.54 6.97 11.26
N THR A 329 -8.02 6.76 10.06
CA THR A 329 -8.63 7.33 8.87
C THR A 329 -9.97 6.68 8.56
N MET A 330 -10.00 5.34 8.52
CA MET A 330 -11.23 4.64 8.17
C MET A 330 -12.28 4.73 9.27
N SER A 331 -11.88 4.99 10.51
CA SER A 331 -12.86 5.22 11.57
C SER A 331 -13.56 6.56 11.37
N ILE A 332 -12.82 7.58 10.94
CA ILE A 332 -13.42 8.88 10.68
C ILE A 332 -14.27 8.83 9.41
N ALA A 333 -13.75 8.18 8.36
CA ALA A 333 -14.52 8.04 7.13
C ALA A 333 -15.81 7.26 7.35
N GLN A 334 -15.83 6.39 8.35
CA GLN A 334 -17.06 5.66 8.68
C GLN A 334 -18.13 6.62 9.18
N ARG A 335 -17.79 7.47 10.17
CA ARG A 335 -18.75 8.42 10.71
C ARG A 335 -19.15 9.45 9.67
N LEU A 336 -18.21 9.88 8.83
CA LEU A 336 -18.54 10.80 7.75
C LEU A 336 -19.53 10.18 6.77
N TYR A 337 -19.42 8.87 6.53
CA TYR A 337 -20.36 8.20 5.64
C TYR A 337 -21.69 7.94 6.31
N GLU A 338 -21.67 7.50 7.57
CA GLU A 338 -22.91 7.22 8.29
C GLU A 338 -23.76 8.47 8.50
N ASN A 339 -23.14 9.65 8.50
CA ASN A 339 -23.86 10.90 8.67
C ASN A 339 -24.09 11.63 7.35
N GLY A 340 -23.79 10.98 6.23
CA GLY A 340 -24.11 11.54 4.93
C GLY A 340 -23.26 12.71 4.48
N TYR A 341 -21.97 12.68 4.79
CA TYR A 341 -21.05 13.72 4.35
C TYR A 341 -20.18 13.28 3.19
N ILE A 342 -19.74 12.03 3.17
CA ILE A 342 -18.95 11.48 2.08
C ILE A 342 -19.66 10.24 1.56
N THR A 343 -19.21 9.76 0.39
CA THR A 343 -19.76 8.55 -0.20
C THR A 343 -19.10 7.32 0.43
N TYR A 344 -19.20 6.18 -0.24
CA TYR A 344 -18.63 4.94 0.29
C TYR A 344 -17.11 5.04 0.31
N MET A 345 -16.53 4.88 1.49
CA MET A 345 -15.09 5.06 1.68
C MET A 345 -14.27 3.80 1.37
N ARG A 346 -14.92 2.65 1.22
CA ARG A 346 -14.25 1.41 0.83
C ARG A 346 -14.47 1.22 -0.67
N THR A 347 -13.57 1.78 -1.47
CA THR A 347 -13.69 1.73 -2.92
C THR A 347 -12.32 1.71 -3.55
N ASP A 348 -12.24 1.10 -4.73
CA ASP A 348 -11.01 1.06 -5.53
C ASP A 348 -11.15 1.85 -6.82
N SER A 349 -12.17 2.71 -6.91
CA SER A 349 -12.45 3.48 -8.10
C SER A 349 -12.09 4.95 -7.89
N THR A 350 -11.84 5.63 -9.02
CA THR A 350 -11.56 7.06 -9.01
C THR A 350 -12.50 7.82 -9.93
N THR A 351 -13.69 7.28 -10.18
CA THR A 351 -14.64 7.88 -11.11
C THR A 351 -15.63 8.76 -10.37
N LEU A 352 -16.15 9.76 -11.07
CA LEU A 352 -17.09 10.72 -10.51
C LEU A 352 -18.37 10.75 -11.36
N SER A 353 -19.51 10.86 -10.69
CA SER A 353 -20.76 11.04 -11.40
C SER A 353 -20.83 12.46 -11.96
N GLU A 354 -21.65 12.63 -13.01
CA GLU A 354 -21.77 13.94 -13.65
C GLU A 354 -22.32 14.98 -12.69
N SER A 355 -23.12 14.55 -11.70
CA SER A 355 -23.58 15.48 -10.68
C SER A 355 -22.43 15.95 -9.81
N ALA A 356 -21.49 15.04 -9.49
CA ALA A 356 -20.33 15.41 -8.68
C ALA A 356 -19.30 16.19 -9.48
N ILE A 357 -19.17 15.91 -10.77
CA ILE A 357 -18.26 16.67 -11.61
C ILE A 357 -18.74 18.11 -11.76
N ASN A 358 -20.01 18.28 -12.15
CA ASN A 358 -20.55 19.62 -12.35
C ASN A 358 -20.81 20.36 -11.04
N ALA A 359 -20.63 19.70 -9.90
CA ALA A 359 -20.72 20.39 -8.62
C ALA A 359 -19.34 20.82 -8.11
N ALA A 360 -18.33 19.97 -8.33
CA ALA A 360 -16.96 20.36 -7.98
C ALA A 360 -16.47 21.49 -8.87
N ARG A 361 -16.90 21.52 -10.14
CA ARG A 361 -16.59 22.64 -11.01
C ARG A 361 -17.32 23.92 -10.58
N THR A 362 -18.39 23.79 -9.79
CA THR A 362 -19.09 24.96 -9.28
C THR A 362 -18.40 25.52 -8.04
N GLN A 363 -18.04 24.65 -7.10
CA GLN A 363 -17.36 25.12 -5.90
C GLN A 363 -15.98 25.66 -6.21
N ALA A 364 -15.30 25.09 -7.21
CA ALA A 364 -13.99 25.60 -7.61
C ALA A 364 -14.11 26.97 -8.25
N ARG A 365 -15.15 27.19 -9.05
CA ARG A 365 -15.34 28.47 -9.71
C ARG A 365 -15.68 29.56 -8.71
N GLN A 366 -16.50 29.23 -7.70
CA GLN A 366 -16.83 30.21 -6.67
C GLN A 366 -15.66 30.53 -5.75
N LEU A 367 -14.66 29.65 -5.70
CA LEU A 367 -13.54 29.82 -4.79
C LEU A 367 -12.25 30.25 -5.47
N TYR A 368 -12.08 29.99 -6.76
CA TYR A 368 -10.86 30.33 -7.47
C TYR A 368 -11.11 31.00 -8.82
N GLY A 369 -12.37 31.33 -9.13
CA GLY A 369 -12.69 31.99 -10.38
C GLY A 369 -12.65 31.05 -11.57
N ASP A 370 -13.15 31.55 -12.69
CA ASP A 370 -13.17 30.78 -13.92
C ASP A 370 -11.80 30.60 -14.54
N GLU A 371 -10.77 31.28 -14.01
CA GLU A 371 -9.43 31.14 -14.55
C GLU A 371 -8.84 29.76 -14.26
N TYR A 372 -9.11 29.23 -13.07
CA TYR A 372 -8.50 27.97 -12.63
C TYR A 372 -9.36 26.75 -12.92
N VAL A 373 -10.61 26.94 -13.35
CA VAL A 373 -11.46 25.80 -13.66
C VAL A 373 -11.03 25.17 -14.98
N ALA A 374 -11.06 23.84 -15.04
CA ALA A 374 -10.64 23.15 -16.25
C ALA A 374 -11.64 23.40 -17.37
N PRO A 375 -11.16 23.69 -18.59
CA PRO A 375 -12.08 23.90 -19.71
C PRO A 375 -12.63 22.62 -20.32
N ALA A 376 -12.19 21.45 -19.86
CA ALA A 376 -12.62 20.18 -20.39
C ALA A 376 -13.10 19.27 -19.26
N PRO A 377 -14.07 18.40 -19.54
CA PRO A 377 -14.52 17.45 -18.51
C PRO A 377 -13.41 16.49 -18.10
N ARG A 378 -13.08 16.49 -16.82
CA ARG A 378 -11.98 15.69 -16.29
C ARG A 378 -12.54 14.40 -15.68
N GLN A 379 -12.07 13.26 -16.18
CA GLN A 379 -12.46 11.96 -15.66
C GLN A 379 -11.24 11.06 -15.60
N TYR A 380 -11.12 10.32 -14.50
CA TYR A 380 -9.98 9.43 -14.26
C TYR A 380 -10.52 8.04 -13.96
N THR A 381 -10.43 7.14 -14.93
CA THR A 381 -10.97 5.80 -14.82
C THR A 381 -9.84 4.78 -14.65
N ARG A 382 -10.20 3.64 -14.05
CA ARG A 382 -9.26 2.55 -13.86
C ARG A 382 -9.76 1.28 -14.55
N LYS A 383 -9.49 0.12 -13.97
CA LYS A 383 -9.90 -1.14 -14.57
C LYS A 383 -10.12 -2.19 -13.50
N VAL A 384 -10.88 -3.23 -13.88
CA VAL A 384 -11.15 -4.38 -13.02
C VAL A 384 -11.75 -5.48 -13.89
N LYS A 385 -12.90 -5.19 -14.51
CA LYS A 385 -13.56 -6.12 -15.41
C LYS A 385 -14.60 -5.39 -16.25
N ASN A 386 -14.14 -4.51 -17.15
CA ASN A 386 -15.01 -3.73 -18.02
C ASN A 386 -15.97 -2.84 -17.23
N ALA A 387 -17.05 -3.43 -16.71
CA ALA A 387 -18.07 -2.67 -15.99
C ALA A 387 -18.37 -3.24 -14.60
N GLN A 388 -17.53 -4.12 -14.08
CA GLN A 388 -17.76 -4.71 -12.76
C GLN A 388 -17.30 -3.81 -11.62
N GLU A 389 -16.79 -2.62 -11.92
CA GLU A 389 -16.32 -1.71 -10.90
C GLU A 389 -16.61 -0.25 -11.27
N HIS A 391 -18.14 0.54 -7.69
CA HIS A 391 -18.59 1.77 -7.05
C HIS A 391 -17.86 2.97 -7.66
N GLU A 392 -17.87 4.09 -6.93
CA GLU A 392 -17.16 5.28 -7.41
C GLU A 392 -16.20 5.79 -6.34
N ALA A 393 -15.60 6.96 -6.58
CA ALA A 393 -14.55 7.48 -5.71
C ALA A 393 -15.14 8.08 -4.43
N ILE A 394 -14.26 8.36 -3.48
CA ILE A 394 -14.62 9.00 -2.23
C ILE A 394 -14.69 10.50 -2.45
N ARG A 395 -15.89 11.07 -2.33
CA ARG A 395 -16.12 12.48 -2.55
C ARG A 395 -17.31 12.92 -1.72
N PRO A 396 -17.45 14.23 -1.47
CA PRO A 396 -18.63 14.70 -0.73
C PRO A 396 -19.93 14.26 -1.40
N ALA A 397 -20.86 13.77 -0.60
CA ALA A 397 -22.09 13.18 -1.11
C ALA A 397 -23.12 14.26 -1.44
N GLY A 398 -24.16 13.85 -2.16
CA GLY A 398 -25.22 14.74 -2.56
C GLY A 398 -24.92 15.48 -3.85
N GLU A 399 -25.92 16.23 -4.31
CA GLU A 399 -25.75 17.05 -5.51
C GLU A 399 -25.11 18.39 -5.20
N THR A 400 -25.22 18.86 -3.96
CA THR A 400 -24.59 20.10 -3.52
C THR A 400 -23.64 19.78 -2.37
N PHE A 401 -22.35 20.09 -2.56
CA PHE A 401 -21.36 19.77 -1.55
C PHE A 401 -21.56 20.62 -0.30
N ALA A 402 -21.59 19.96 0.86
CA ALA A 402 -21.62 20.69 2.12
C ALA A 402 -20.32 21.47 2.29
N THR A 403 -20.46 22.76 2.57
CA THR A 403 -19.28 23.61 2.71
C THR A 403 -18.45 23.15 3.90
N PRO A 404 -17.12 23.14 3.78
CA PRO A 404 -16.28 22.78 4.93
C PRO A 404 -16.49 23.67 6.14
N ASP A 405 -17.03 24.87 5.94
CA ASP A 405 -17.36 25.73 7.07
C ASP A 405 -18.53 25.17 7.86
N ALA A 406 -19.58 24.72 7.16
CA ALA A 406 -20.73 24.15 7.84
C ALA A 406 -20.39 22.81 8.48
N VAL A 407 -19.49 22.04 7.87
CA VAL A 407 -19.04 20.80 8.49
C VAL A 407 -18.17 21.10 9.70
N ARG A 408 -17.46 22.23 9.69
CA ARG A 408 -16.68 22.63 10.87
C ARG A 408 -17.59 22.99 12.03
N ARG A 409 -18.76 23.57 11.75
CA ARG A 409 -19.72 23.89 12.81
C ARG A 409 -20.40 22.63 13.32
N GLU A 410 -21.01 21.87 12.41
CA GLU A 410 -21.81 20.70 12.79
C GLU A 410 -20.99 19.61 13.46
N LEU A 411 -19.67 19.66 13.36
CA LEU A 411 -18.77 18.68 13.98
C LEU A 411 -17.83 19.44 14.91
N ASP A 412 -18.20 19.50 16.19
CA ASP A 412 -17.45 20.19 17.22
C ASP A 412 -16.77 19.14 18.12
N GLY A 413 -16.54 19.48 19.39
CA GLY A 413 -15.90 18.59 20.31
C GLY A 413 -14.40 18.52 20.08
N PRO A 414 -13.67 17.93 21.05
CA PRO A 414 -12.22 17.81 20.88
C PRO A 414 -11.81 16.94 19.70
N ASN A 415 -12.71 16.08 19.20
CA ASN A 415 -12.42 15.24 18.05
C ASN A 415 -12.78 15.97 16.75
N ILE A 416 -12.02 17.05 16.48
CA ILE A 416 -12.20 17.81 15.26
C ILE A 416 -11.64 17.11 14.04
N ASP A 417 -11.09 15.91 14.20
CA ASP A 417 -10.51 15.18 13.08
C ASP A 417 -11.55 14.85 12.01
N ASP A 418 -12.84 14.87 12.36
CA ASP A 418 -13.87 14.58 11.37
C ASP A 418 -13.95 15.67 10.30
N PHE A 419 -13.59 16.90 10.65
CA PHE A 419 -13.56 17.99 9.69
C PHE A 419 -12.23 18.08 8.96
N ARG A 420 -11.12 17.83 9.67
CA ARG A 420 -9.81 17.91 9.03
C ARG A 420 -9.66 16.85 7.94
N LEU A 421 -10.32 15.70 8.09
CA LEU A 421 -10.34 14.71 7.01
C LEU A 421 -11.36 15.08 5.95
N TYR A 422 -12.47 15.71 6.34
CA TYR A 422 -13.47 16.13 5.37
C TYR A 422 -12.92 17.23 4.47
N GLU A 423 -12.10 18.14 5.02
CA GLU A 423 -11.52 19.19 4.21
C GLU A 423 -10.60 18.62 3.13
N LEU A 424 -9.86 17.56 3.46
CA LEU A 424 -9.00 16.92 2.47
C LEU A 424 -9.82 16.35 1.32
N ILE A 425 -10.93 15.68 1.63
CA ILE A 425 -11.79 15.14 0.58
C ILE A 425 -12.47 16.25 -0.19
N TRP A 426 -12.83 17.36 0.48
CA TRP A 426 -13.46 18.48 -0.22
C TRP A 426 -12.47 19.19 -1.12
N GLN A 427 -11.20 19.28 -0.70
CA GLN A 427 -10.19 19.94 -1.52
C GLN A 427 -9.70 19.04 -2.64
N ARG A 428 -9.44 17.76 -2.35
CA ARG A 428 -8.92 16.85 -3.35
C ARG A 428 -9.91 16.66 -4.50
N THR A 429 -11.20 16.56 -4.18
CA THR A 429 -12.21 16.38 -5.22
C THR A 429 -12.35 17.63 -6.08
N VAL A 430 -12.30 18.81 -5.45
CA VAL A 430 -12.39 20.06 -6.20
C VAL A 430 -11.17 20.21 -7.12
N ALA A 431 -10.00 19.82 -6.65
CA ALA A 431 -8.79 19.95 -7.45
C ALA A 431 -8.81 19.04 -8.67
N SER A 432 -9.56 17.94 -8.61
CA SER A 432 -9.59 17.01 -9.74
C SER A 432 -10.24 17.64 -10.97
N GLN A 433 -11.14 18.61 -10.77
CA GLN A 433 -11.87 19.23 -11.86
C GLN A 433 -11.37 20.65 -12.13
N MET A 434 -10.10 20.92 -11.83
CA MET A 434 -9.48 22.20 -12.11
C MET A 434 -8.45 22.06 -13.21
N ALA A 435 -7.99 23.21 -13.71
CA ALA A 435 -7.08 23.22 -14.85
C ALA A 435 -5.71 22.66 -14.47
N ASP A 436 -4.86 22.50 -15.48
CA ASP A 436 -3.53 21.97 -15.26
C ASP A 436 -2.65 23.00 -14.53
N ALA A 437 -1.38 22.64 -14.35
CA ALA A 437 -0.38 23.52 -13.77
C ALA A 437 0.71 23.76 -14.81
N ARG A 438 0.78 24.99 -15.32
CA ARG A 438 1.71 25.34 -16.38
C ARG A 438 2.97 25.96 -15.80
N GLY A 439 4.11 25.56 -16.35
CA GLY A 439 5.39 26.09 -15.88
C GLY A 439 6.51 25.67 -16.81
N MET A 440 7.73 25.97 -16.38
CA MET A 440 8.91 25.63 -17.16
C MET A 440 10.05 25.24 -16.23
N THR A 441 10.98 24.46 -16.77
CA THR A 441 12.15 23.99 -16.03
C THR A 441 13.41 24.29 -16.83
N LEU A 442 14.48 24.61 -16.11
CA LEU A 442 15.75 24.99 -16.72
C LEU A 442 16.78 23.88 -16.55
N SER A 443 17.89 24.02 -17.31
CA SER A 443 19.00 23.07 -17.23
C SER A 443 20.27 23.84 -17.62
N LEU A 444 20.91 24.45 -16.62
CA LEU A 444 22.10 25.25 -16.84
C LEU A 444 23.35 24.38 -16.77
N ARG A 445 24.22 24.51 -17.77
CA ARG A 445 25.52 23.86 -17.78
C ARG A 445 26.58 24.96 -17.81
N ILE A 446 27.33 25.10 -16.72
CA ILE A 446 28.30 26.15 -16.55
C ILE A 446 29.70 25.53 -16.56
N THR A 447 30.56 26.06 -17.42
CA THR A 447 31.93 25.57 -17.53
C THR A 447 32.90 26.52 -16.84
N GLY A 448 34.13 26.06 -16.71
CA GLY A 448 35.16 26.88 -16.07
C GLY A 448 36.50 26.20 -16.14
N MET A 449 37.48 26.82 -15.48
CA MET A 449 38.83 26.29 -15.42
C MET A 449 39.34 26.41 -14.00
N SER A 450 39.66 25.28 -13.39
CA SER A 450 40.22 25.25 -12.03
C SER A 450 41.75 25.15 -12.09
N GLY A 451 42.35 26.11 -12.79
CA GLY A 451 43.78 26.13 -12.97
C GLY A 451 44.22 25.31 -14.16
N HIS A 452 44.49 24.01 -13.94
CA HIS A 452 44.94 23.12 -14.99
C HIS A 452 43.91 22.07 -15.37
N GLN A 453 42.70 22.16 -14.82
CA GLN A 453 41.66 21.17 -15.06
C GLN A 453 40.37 21.85 -15.49
N GLU A 454 39.61 21.15 -16.35
CA GLU A 454 38.33 21.64 -16.84
C GLU A 454 37.23 21.19 -15.89
N VAL A 455 36.48 22.14 -15.36
CA VAL A 455 35.39 21.85 -14.44
C VAL A 455 34.07 22.27 -15.07
N VAL A 456 33.01 21.55 -14.72
CA VAL A 456 31.68 21.78 -15.27
C VAL A 456 30.70 21.87 -14.10
N PHE A 457 30.01 23.01 -14.01
CA PHE A 457 28.96 23.21 -13.01
C PHE A 457 27.59 23.09 -13.66
N SER A 458 26.62 22.62 -12.88
CA SER A 458 25.27 22.41 -13.37
C SER A 458 24.26 22.77 -12.30
N ALA A 459 23.15 23.37 -12.71
CA ALA A 459 22.07 23.73 -11.81
C ALA A 459 20.75 23.66 -12.57
N THR A 460 19.67 23.39 -11.84
CA THR A 460 18.35 23.26 -12.45
C THR A 460 17.32 23.97 -11.57
N GLY A 461 16.27 24.46 -12.21
CA GLY A 461 15.21 25.15 -11.52
C GLY A 461 13.86 24.86 -12.17
N ARG A 462 12.80 25.17 -11.43
CA ARG A 462 11.45 24.91 -11.90
C ARG A 462 10.56 26.11 -11.55
N THR A 463 9.88 26.64 -12.56
CA THR A 463 8.99 27.78 -12.39
C THR A 463 7.54 27.33 -12.49
N LEU A 464 6.69 27.91 -11.66
CA LEU A 464 5.25 27.63 -11.65
C LEU A 464 4.52 28.87 -12.16
N THR A 465 4.43 28.99 -13.48
CA THR A 465 3.76 30.14 -14.07
C THR A 465 2.27 30.14 -13.74
N PHE A 466 1.62 28.99 -13.85
CA PHE A 466 0.18 28.86 -13.61
C PHE A 466 -0.05 27.79 -12.56
N PRO A 467 -0.45 28.15 -11.34
CA PRO A 467 -0.63 27.13 -10.29
C PRO A 467 -1.76 26.17 -10.59
N GLY A 468 -2.94 26.70 -10.91
CA GLY A 468 -4.08 25.87 -11.24
C GLY A 468 -4.63 25.12 -10.04
N PHE A 469 -4.68 23.79 -10.13
CA PHE A 469 -5.20 22.98 -9.04
C PHE A 469 -4.31 22.98 -7.81
N LEU A 470 -3.07 23.45 -7.95
CA LEU A 470 -2.16 23.53 -6.80
C LEU A 470 -2.56 24.64 -5.82
N LYS A 471 -3.57 25.44 -6.15
CA LYS A 471 -4.08 26.44 -5.24
C LYS A 471 -5.15 25.89 -4.30
N ALA A 472 -5.64 24.68 -4.57
CA ALA A 472 -6.67 24.04 -3.74
C ALA A 472 -6.17 22.80 -3.03
N TYR A 473 -5.31 22.00 -3.67
CA TYR A 473 -4.81 20.78 -3.04
C TYR A 473 -3.44 20.46 -3.62
N VAL A 474 -2.48 20.17 -2.74
CA VAL A 474 -1.13 19.77 -3.13
C VAL A 474 -0.75 18.55 -2.31
N GLU A 475 -0.28 17.50 -3.00
CA GLU A 475 0.11 16.29 -2.31
C GLU A 475 1.28 16.54 -1.36
N THR A 476 1.34 15.75 -0.29
CA THR A 476 2.37 15.89 0.73
C THR A 476 3.47 14.87 0.49
N VAL A 477 4.72 15.30 0.71
CA VAL A 477 5.86 14.40 0.51
C VAL A 477 5.92 13.38 1.65
N ASP A 478 6.54 12.24 1.36
CA ASP A 478 6.67 11.19 2.37
C ASP A 478 7.64 11.63 3.47
N GLU A 479 7.36 11.19 4.69
CA GLU A 479 8.16 11.60 5.84
C GLU A 479 9.56 11.00 5.76
N LEU A 480 9.70 9.76 5.28
CA LEU A 480 10.97 9.06 5.25
C LEU A 480 11.60 9.03 3.86
N VAL A 481 10.82 8.84 2.81
CA VAL A 481 11.38 8.78 1.46
C VAL A 481 11.96 10.14 1.09
N GLY A 482 11.18 11.21 1.29
CA GLY A 482 11.67 12.55 1.03
C GLY A 482 11.72 12.91 -0.44
N GLY A 483 11.50 14.19 -0.74
CA GLY A 483 11.53 14.65 -2.12
C GLY A 483 11.23 16.13 -2.24
N GLU A 484 10.55 16.52 -3.31
CA GLU A 484 10.21 17.91 -3.59
C GLU A 484 8.70 18.03 -3.76
N ALA A 485 8.14 19.07 -3.16
CA ALA A 485 6.72 19.33 -3.30
C ALA A 485 6.39 19.70 -4.74
N ASP A 486 5.14 19.46 -5.13
CA ASP A 486 4.69 19.74 -6.49
C ASP A 486 4.35 21.21 -6.72
N ASP A 487 4.45 22.05 -5.69
CA ASP A 487 4.26 23.49 -5.84
C ASP A 487 5.50 24.28 -5.40
N ALA A 488 6.64 23.61 -5.32
CA ALA A 488 7.89 24.26 -4.92
C ALA A 488 8.58 24.84 -6.15
N GLU A 489 8.90 26.13 -6.08
CA GLU A 489 9.54 26.83 -7.17
C GLU A 489 11.04 26.97 -6.92
N ARG A 490 11.82 26.87 -7.99
CA ARG A 490 13.27 27.08 -7.95
C ARG A 490 13.61 28.07 -9.05
N ARG A 491 13.75 29.35 -8.69
CA ARG A 491 13.96 30.41 -9.67
C ARG A 491 15.42 30.47 -10.09
N LEU A 492 15.63 30.68 -11.39
CA LEU A 492 16.96 30.83 -11.97
C LEU A 492 16.90 31.93 -13.03
N PRO A 493 17.96 32.72 -13.16
CA PRO A 493 17.96 33.75 -14.20
C PRO A 493 18.07 33.14 -15.59
N HIS A 494 17.58 33.86 -16.58
CA HIS A 494 17.64 33.43 -17.98
C HIS A 494 18.97 33.92 -18.55
N LEU A 495 19.93 33.00 -18.67
CA LEU A 495 21.26 33.34 -19.13
C LEU A 495 21.46 32.92 -20.59
N THR A 496 22.39 33.61 -21.25
CA THR A 496 22.75 33.44 -22.65
C THR A 496 23.99 32.56 -22.79
N PRO A 497 24.01 31.64 -23.75
CA PRO A 497 25.23 30.84 -23.99
C PRO A 497 26.41 31.74 -24.32
N GLY A 498 27.45 31.64 -23.50
CA GLY A 498 28.62 32.49 -23.61
C GLY A 498 28.70 33.57 -22.56
N GLN A 499 27.67 33.71 -21.72
CA GLN A 499 27.67 34.73 -20.68
C GLN A 499 28.70 34.38 -19.60
N ARG A 500 29.32 35.41 -19.04
CA ARG A 500 30.32 35.25 -17.99
C ARG A 500 29.68 35.47 -16.62
N LEU A 501 29.99 34.58 -15.68
CA LEU A 501 29.45 34.61 -14.33
C LEU A 501 30.58 34.77 -13.33
N ASP A 502 30.35 35.60 -12.32
CA ASP A 502 31.32 35.78 -11.24
C ASP A 502 31.08 34.75 -10.15
N ILE A 503 32.17 34.30 -9.54
CA ILE A 503 32.12 33.28 -8.48
C ILE A 503 32.05 34.01 -7.15
N VAL A 504 30.86 34.05 -6.55
CA VAL A 504 30.67 34.73 -5.28
C VAL A 504 31.24 33.91 -4.13
N GLU A 505 30.90 32.62 -4.09
CA GLU A 505 31.29 31.77 -2.97
C GLU A 505 31.60 30.37 -3.48
N LEU A 506 32.62 29.75 -2.88
CA LEU A 506 32.98 28.36 -3.14
C LEU A 506 33.04 27.62 -1.82
N THR A 507 32.23 26.57 -1.69
CA THR A 507 32.18 25.80 -0.46
C THR A 507 32.13 24.31 -0.74
N PRO A 508 33.23 23.58 -0.51
CA PRO A 508 33.23 22.12 -0.70
C PRO A 508 32.52 21.42 0.46
N ASP A 509 31.37 20.83 0.17
CA ASP A 509 30.60 20.10 1.15
C ASP A 509 30.74 18.60 0.92
N GLY A 510 30.63 17.84 2.01
CA GLY A 510 30.75 16.40 1.99
C GLY A 510 29.42 15.73 2.28
N HIS A 511 29.21 14.57 1.65
CA HIS A 511 27.96 13.83 1.76
C HIS A 511 28.25 12.36 2.00
N ALA A 512 27.18 11.60 2.24
CA ALA A 512 27.28 10.16 2.43
C ALA A 512 25.94 9.53 2.05
N THR A 513 26.03 8.36 1.41
CA THR A 513 24.82 7.67 0.99
C THR A 513 24.09 7.09 2.21
N ASN A 514 22.76 7.23 2.21
CA ASN A 514 21.93 6.78 3.31
C ASN A 514 21.20 5.49 2.95
N PRO A 515 20.95 4.63 3.94
CA PRO A 515 20.28 3.34 3.66
C PRO A 515 18.86 3.56 3.21
N PRO A 516 18.22 2.55 2.60
CA PRO A 516 16.83 2.69 2.17
C PRO A 516 15.90 3.03 3.33
N ALA A 517 14.86 3.79 3.03
CA ALA A 517 13.95 4.28 4.05
C ALA A 517 13.03 3.17 4.54
N ARG A 518 12.65 3.25 5.81
CA ARG A 518 11.70 2.33 6.40
C ARG A 518 10.32 2.52 5.77
N TYR A 519 9.45 1.55 6.00
CA TYR A 519 8.08 1.61 5.50
C TYR A 519 7.19 2.36 6.50
N THR A 520 6.47 3.34 6.01
CA THR A 520 5.39 3.96 6.77
C THR A 520 4.07 3.27 6.44
N GLU A 521 3.04 3.60 7.21
CA GLU A 521 1.72 3.04 6.93
C GLU A 521 1.20 3.49 5.57
N ALA A 522 1.64 4.65 5.09
CA ALA A 522 1.25 5.11 3.77
C ALA A 522 2.04 4.42 2.67
N SER A 523 3.36 4.29 2.85
CA SER A 523 4.18 3.68 1.81
C SER A 523 3.94 2.18 1.69
N LEU A 524 3.51 1.53 2.77
CA LEU A 524 3.21 0.10 2.69
C LEU A 524 1.91 -0.16 1.94
N VAL A 525 0.88 0.65 2.23
CA VAL A 525 -0.39 0.50 1.51
C VAL A 525 -0.19 0.81 0.02
N LYS A 526 0.67 1.77 -0.29
CA LYS A 526 0.97 2.05 -1.69
C LYS A 526 1.65 0.87 -2.36
N ALA A 527 2.45 0.11 -1.61
CA ALA A 527 3.09 -1.08 -2.16
C ALA A 527 2.12 -2.26 -2.28
N LEU A 528 1.17 -2.38 -1.34
CA LEU A 528 0.19 -3.45 -1.42
C LEU A 528 -0.75 -3.25 -2.61
N GLU A 529 -1.23 -2.01 -2.80
CA GLU A 529 -2.17 -1.73 -3.89
C GLU A 529 -1.51 -1.90 -5.25
N GLU A 530 -0.22 -1.55 -5.36
CA GLU A 530 0.48 -1.71 -6.63
C GLU A 530 0.71 -3.18 -6.95
N LEU A 531 1.00 -3.99 -5.93
CA LEU A 531 1.20 -5.42 -6.14
C LEU A 531 -0.10 -6.19 -6.27
N GLY A 532 -1.25 -5.56 -6.05
CA GLY A 532 -2.51 -6.25 -6.14
C GLY A 532 -2.88 -7.07 -4.93
N ILE A 533 -2.22 -6.84 -3.80
CA ILE A 533 -2.46 -7.58 -2.56
C ILE A 533 -3.40 -6.80 -1.68
N GLY A 534 -4.36 -7.49 -1.07
CA GLY A 534 -5.33 -6.83 -0.21
C GLY A 534 -6.35 -6.01 -0.98
N ARG A 535 -7.48 -5.73 -0.33
CA ARG A 535 -8.56 -4.98 -0.95
C ARG A 535 -8.76 -3.67 -0.19
N PRO A 536 -9.57 -2.74 -0.71
CA PRO A 536 -9.84 -1.50 0.05
C PRO A 536 -10.37 -1.73 1.45
N SER A 537 -11.14 -2.80 1.67
CA SER A 537 -11.71 -3.09 2.97
C SER A 537 -10.76 -3.88 3.87
N THR A 538 -9.49 -4.02 3.48
CA THR A 538 -8.53 -4.78 4.26
C THR A 538 -7.23 -4.05 4.57
N TYR A 539 -6.97 -2.90 3.93
CA TYR A 539 -5.71 -2.20 4.14
C TYR A 539 -5.49 -1.87 5.61
N SER A 540 -6.53 -1.39 6.29
CA SER A 540 -6.41 -1.07 7.70
C SER A 540 -6.19 -2.32 8.54
N SER A 541 -6.91 -3.40 8.22
CA SER A 541 -6.78 -4.63 8.98
C SER A 541 -5.42 -5.30 8.81
N ILE A 542 -4.73 -5.05 7.69
CA ILE A 542 -3.40 -5.60 7.50
C ILE A 542 -2.42 -4.93 8.46
N ILE A 543 -2.48 -3.61 8.56
CA ILE A 543 -1.60 -2.87 9.47
C ILE A 543 -1.86 -3.29 10.91
N LYS A 544 -3.10 -3.62 11.24
CA LYS A 544 -3.42 -4.06 12.60
C LYS A 544 -2.98 -5.50 12.83
N THR A 545 -3.15 -6.37 11.83
CA THR A 545 -2.88 -7.79 12.03
C THR A 545 -1.41 -8.06 12.26
N ILE A 546 -0.54 -7.53 11.39
CA ILE A 546 0.89 -7.77 11.53
C ILE A 546 1.46 -7.13 12.79
N GLN A 547 0.74 -6.17 13.39
CA GLN A 547 1.18 -5.60 14.66
C GLN A 547 0.69 -6.44 15.84
N ASP A 548 -0.50 -7.03 15.73
CA ASP A 548 -1.04 -7.83 16.82
C ASP A 548 -0.40 -9.22 16.88
N ARG A 549 -0.12 -9.81 15.72
CA ARG A 549 0.56 -11.10 15.70
C ARG A 549 2.01 -11.02 16.17
N GLY A 550 2.56 -9.82 16.28
CA GLY A 550 3.91 -9.65 16.79
C GLY A 550 5.00 -9.63 15.76
N TYR A 551 4.68 -9.29 14.51
CA TYR A 551 5.67 -9.25 13.44
C TYR A 551 6.23 -7.85 13.20
N VAL A 552 5.41 -6.81 13.34
CA VAL A 552 5.81 -5.45 13.01
C VAL A 552 5.38 -4.52 14.15
N HIS A 553 6.23 -3.55 14.47
CA HIS A 553 5.89 -2.50 15.43
C HIS A 553 6.31 -1.16 14.86
N LYS A 554 5.68 -0.10 15.35
CA LYS A 554 5.93 1.24 14.85
C LYS A 554 7.02 1.95 15.64
N LYS A 555 7.93 2.60 14.91
CA LYS A 555 8.97 3.42 15.52
C LYS A 555 8.67 4.88 15.26
N GLY A 556 7.56 5.37 15.83
CA GLY A 556 7.08 6.70 15.50
C GLY A 556 6.10 6.64 14.34
N SER A 557 6.64 6.57 13.12
CA SER A 557 5.83 6.40 11.92
C SER A 557 6.35 5.30 11.01
N ALA A 558 7.48 4.68 11.36
CA ALA A 558 8.12 3.66 10.55
C ALA A 558 7.72 2.27 11.04
N LEU A 559 7.41 1.38 10.10
CA LEU A 559 7.03 0.01 10.41
C LEU A 559 8.31 -0.82 10.51
N VAL A 560 8.65 -1.22 11.73
CA VAL A 560 9.89 -1.94 12.02
C VAL A 560 9.53 -3.41 12.25
N PRO A 561 10.23 -4.35 11.61
CA PRO A 561 9.93 -5.77 11.82
C PRO A 561 10.50 -6.25 13.16
N SER A 562 10.31 -7.55 13.42
CA SER A 562 10.77 -8.18 14.64
C SER A 562 11.52 -9.46 14.29
N TRP A 563 12.23 -10.00 15.27
CA TRP A 563 12.98 -11.23 15.04
C TRP A 563 12.07 -12.41 14.73
N VAL A 564 10.88 -12.45 15.35
CA VAL A 564 9.91 -13.48 15.00
C VAL A 564 9.49 -13.34 13.54
N ALA A 565 9.39 -12.09 13.06
CA ALA A 565 9.08 -11.87 11.65
C ALA A 565 10.21 -12.34 10.74
N PHE A 566 11.46 -12.29 11.22
CA PHE A 566 12.57 -12.81 10.44
C PHE A 566 12.52 -14.33 10.33
N ALA A 567 12.19 -15.01 11.44
CA ALA A 567 12.17 -16.47 11.42
C ALA A 567 10.98 -16.99 10.62
N VAL A 568 9.82 -16.37 10.78
CA VAL A 568 8.64 -16.80 10.04
C VAL A 568 8.84 -16.57 8.54
N THR A 569 9.28 -15.37 8.17
CA THR A 569 9.52 -15.07 6.76
C THR A 569 10.64 -15.93 6.20
N GLY A 570 11.71 -16.14 6.96
CA GLY A 570 12.81 -16.96 6.48
C GLY A 570 12.39 -18.39 6.21
N LEU A 571 11.65 -19.00 7.14
CA LEU A 571 11.14 -20.35 6.93
C LEU A 571 10.20 -20.41 5.73
N LEU A 572 9.33 -19.41 5.60
CA LEU A 572 8.37 -19.41 4.50
C LEU A 572 9.06 -19.26 3.16
N GLU A 573 9.96 -18.27 3.02
CA GLU A 573 10.59 -18.03 1.74
C GLU A 573 11.58 -19.13 1.34
N GLN A 574 11.91 -20.04 2.25
CA GLN A 574 12.80 -21.16 1.93
C GLN A 574 12.03 -22.37 1.39
N HIS A 575 11.03 -22.85 2.14
CA HIS A 575 10.35 -24.09 1.82
C HIS A 575 8.93 -23.89 1.34
N PHE A 576 8.39 -22.68 1.42
CA PHE A 576 7.09 -22.31 0.86
C PHE A 576 7.24 -21.07 -0.01
N GLY A 577 8.23 -21.10 -0.92
CA GLY A 577 8.64 -19.89 -1.61
C GLY A 577 7.52 -19.24 -2.41
N ARG A 578 6.71 -20.04 -3.09
CA ARG A 578 5.68 -19.47 -3.95
C ARG A 578 4.54 -18.86 -3.15
N LEU A 579 4.31 -19.34 -1.93
CA LEU A 579 3.21 -18.82 -1.13
C LEU A 579 3.47 -17.40 -0.63
N VAL A 580 4.73 -16.96 -0.61
CA VAL A 580 5.07 -15.63 -0.16
C VAL A 580 5.57 -14.75 -1.31
N ASP A 581 5.52 -15.25 -2.55
CA ASP A 581 5.89 -14.44 -3.69
C ASP A 581 4.88 -13.31 -3.89
N TYR A 582 5.40 -12.12 -4.22
CA TYR A 582 4.52 -10.97 -4.47
C TYR A 582 3.61 -11.24 -5.66
N ASP A 583 4.06 -12.08 -6.58
CA ASP A 583 3.30 -12.44 -7.78
C ASP A 583 2.17 -13.41 -7.50
N PHE A 584 2.09 -13.96 -6.28
CA PHE A 584 1.14 -15.03 -6.01
C PHE A 584 -0.31 -14.53 -6.04
N THR A 585 -0.60 -13.50 -5.23
CA THR A 585 -1.96 -12.98 -5.19
C THR A 585 -2.41 -12.49 -6.56
N ALA A 586 -1.51 -11.85 -7.31
CA ALA A 586 -1.86 -11.39 -8.65
C ALA A 586 -2.14 -12.57 -9.58
N ALA A 587 -1.32 -13.63 -9.50
CA ALA A 587 -1.53 -14.79 -10.34
C ALA A 587 -2.74 -15.59 -9.90
N MET A 588 -3.00 -15.64 -8.58
CA MET A 588 -4.20 -16.31 -8.09
C MET A 588 -5.46 -15.58 -8.51
N GLU A 589 -5.39 -14.24 -8.59
CA GLU A 589 -6.54 -13.46 -9.05
C GLU A 589 -6.84 -13.73 -10.52
N ASP A 590 -5.82 -14.01 -11.33
CA ASP A 590 -6.05 -14.34 -12.74
C ASP A 590 -6.69 -15.71 -12.90
N GLU A 591 -6.21 -16.70 -12.13
CA GLU A 591 -6.83 -18.01 -12.14
C GLU A 591 -8.25 -17.97 -11.56
N LEU A 592 -8.56 -16.96 -10.75
CA LEU A 592 -9.90 -16.83 -10.19
C LEU A 592 -10.87 -16.18 -11.16
N ASP A 593 -10.39 -15.24 -11.98
CA ASP A 593 -11.26 -14.59 -12.96
C ASP A 593 -11.71 -15.55 -14.05
N GLU A 594 -10.95 -16.62 -14.31
CA GLU A 594 -11.39 -17.61 -15.27
C GLU A 594 -12.50 -18.49 -14.70
N ILE A 595 -12.41 -18.83 -13.41
CA ILE A 595 -13.45 -19.62 -12.76
C ILE A 595 -14.79 -18.90 -12.80
N ALA A 596 -14.77 -17.58 -12.70
CA ALA A 596 -15.98 -16.76 -12.73
C ALA A 596 -16.50 -16.53 -14.14
N ALA A 597 -15.92 -17.19 -15.15
CA ALA A 597 -16.35 -16.97 -16.54
C ALA A 597 -16.45 -18.25 -17.35
N GLY A 598 -16.10 -19.41 -16.80
CA GLY A 598 -16.15 -20.66 -17.52
C GLY A 598 -14.79 -21.32 -17.59
N ASN A 599 -14.53 -22.00 -18.70
CA ASN A 599 -13.26 -22.67 -18.97
C ASN A 599 -12.89 -23.66 -17.87
N GLU A 600 -12.57 -23.15 -16.68
CA GLU A 600 -12.13 -23.97 -15.56
C GLU A 600 -13.23 -24.08 -14.51
N ARG A 601 -13.13 -25.13 -13.70
CA ARG A 601 -14.13 -25.44 -12.68
C ARG A 601 -13.56 -25.19 -11.28
N ARG A 602 -14.47 -25.05 -10.32
CA ARG A 602 -14.05 -24.80 -8.94
C ARG A 602 -13.29 -25.98 -8.37
N THR A 603 -13.83 -27.19 -8.56
CA THR A 603 -13.21 -28.38 -7.98
C THR A 603 -11.88 -28.70 -8.64
N ASN A 604 -11.78 -28.49 -9.95
CA ASN A 604 -10.55 -28.83 -10.66
C ASN A 604 -9.38 -27.96 -10.22
N TRP A 605 -9.61 -26.67 -10.00
CA TRP A 605 -8.53 -25.77 -9.60
C TRP A 605 -8.07 -26.07 -8.18
N LEU A 606 -9.02 -26.26 -7.26
CA LEU A 606 -8.65 -26.61 -5.89
C LEU A 606 -7.95 -27.96 -5.83
N ASN A 607 -8.33 -28.89 -6.70
CA ASN A 607 -7.65 -30.19 -6.74
C ASN A 607 -6.19 -30.04 -7.13
N ASN A 608 -5.90 -29.12 -8.06
CA ASN A 608 -4.52 -28.90 -8.47
C ASN A 608 -3.71 -28.18 -7.39
N PHE A 609 -4.34 -27.25 -6.68
CA PHE A 609 -3.61 -26.46 -5.68
C PHE A 609 -3.29 -27.29 -4.45
N TYR A 610 -4.19 -28.19 -4.06
CA TYR A 610 -4.00 -28.97 -2.85
C TYR A 610 -3.28 -30.29 -3.09
N PHE A 611 -3.44 -30.88 -4.28
CA PHE A 611 -2.84 -32.17 -4.59
C PHE A 611 -1.81 -32.10 -5.69
N GLY A 612 -2.04 -31.33 -6.74
CA GLY A 612 -1.09 -31.22 -7.83
C GLY A 612 -1.72 -31.37 -9.21
N GLY A 613 -1.07 -30.80 -10.22
CA GLY A 613 -1.59 -30.91 -11.58
C GLY A 613 -0.80 -30.03 -12.52
N ASP A 614 -1.26 -30.00 -13.77
CA ASP A 614 -0.67 -29.22 -14.85
C ASP A 614 -1.44 -27.91 -14.96
N HIS A 615 -1.04 -26.92 -14.17
CA HIS A 615 -1.74 -25.64 -14.19
C HIS A 615 -0.87 -24.57 -13.54
N GLY A 616 -1.04 -23.33 -14.01
CA GLY A 616 -0.39 -22.19 -13.41
C GLY A 616 0.97 -21.90 -14.00
N VAL A 617 1.64 -20.94 -13.34
CA VAL A 617 3.01 -20.59 -13.70
C VAL A 617 3.93 -21.80 -13.52
N PRO A 618 5.10 -21.81 -14.16
CA PRO A 618 5.99 -22.97 -14.03
C PRO A 618 6.37 -23.29 -12.60
N ASP A 619 6.46 -22.29 -11.72
CA ASP A 619 6.89 -22.50 -10.34
C ASP A 619 5.72 -22.56 -9.36
N SER A 620 4.51 -22.78 -9.86
CA SER A 620 3.30 -22.73 -9.03
C SER A 620 3.27 -23.90 -8.05
N VAL A 621 2.20 -23.94 -7.25
CA VAL A 621 2.06 -25.00 -6.26
C VAL A 621 1.60 -26.31 -6.91
N ALA A 622 0.76 -26.23 -7.93
CA ALA A 622 0.33 -27.44 -8.63
C ALA A 622 1.50 -28.17 -9.27
N ARG A 623 2.51 -27.44 -9.73
CA ARG A 623 3.70 -28.09 -10.27
C ARG A 623 4.55 -28.71 -9.17
N SER A 624 4.55 -28.12 -7.98
CA SER A 624 5.37 -28.60 -6.87
C SER A 624 4.76 -29.79 -6.14
N GLY A 625 3.59 -30.26 -6.56
CA GLY A 625 2.95 -31.38 -5.93
C GLY A 625 1.85 -31.04 -4.95
N GLY A 626 1.24 -29.86 -5.07
CA GLY A 626 0.15 -29.47 -4.20
C GLY A 626 0.63 -28.92 -2.87
N LEU A 627 -0.32 -28.36 -2.12
CA LEU A 627 -0.01 -27.79 -0.82
C LEU A 627 0.05 -28.87 0.26
N LYS A 628 -0.71 -29.95 0.11
CA LYS A 628 -0.69 -31.01 1.11
C LYS A 628 0.66 -31.70 1.15
N LYS A 629 1.20 -32.07 -0.01
CA LYS A 629 2.52 -32.71 -0.04
C LYS A 629 3.63 -31.73 0.33
N LEU A 630 3.40 -30.43 0.11
CA LEU A 630 4.41 -29.44 0.46
C LEU A 630 4.53 -29.28 1.97
N VAL A 631 3.44 -29.50 2.71
CA VAL A 631 3.51 -29.43 4.16
C VAL A 631 3.99 -30.75 4.75
N GLY A 632 3.73 -31.87 4.07
CA GLY A 632 4.16 -33.16 4.58
C GLY A 632 5.66 -33.31 4.61
N ILE A 633 6.35 -32.84 3.58
CA ILE A 633 7.80 -32.91 3.53
C ILE A 633 8.48 -31.88 4.42
N ASN A 634 7.72 -30.94 4.97
CA ASN A 634 8.27 -29.94 5.87
C ASN A 634 8.05 -30.26 7.34
N LEU A 635 7.07 -31.12 7.66
CA LEU A 635 6.93 -31.69 9.00
C LEU A 635 7.66 -33.02 9.11
N GLU A 636 8.82 -33.13 8.48
CA GLU A 636 9.55 -34.38 8.37
C GLU A 636 11.01 -34.15 8.02
N GLY A 637 11.27 -33.28 7.05
CA GLY A 637 12.62 -33.02 6.60
C GLY A 637 13.08 -31.60 6.89
N ILE A 638 12.62 -31.03 8.00
CA ILE A 638 12.99 -29.68 8.42
C ILE A 638 13.47 -29.74 9.86
N ASP A 639 14.57 -29.06 10.13
CA ASP A 639 15.11 -28.94 11.48
C ASP A 639 14.89 -27.50 11.96
N ALA A 640 14.13 -27.34 13.04
CA ALA A 640 13.79 -26.01 13.54
C ALA A 640 15.02 -25.24 14.02
N ARG A 641 16.10 -25.94 14.37
CA ARG A 641 17.31 -25.25 14.82
C ARG A 641 17.96 -24.47 13.69
N GLU A 642 17.84 -24.95 12.45
CA GLU A 642 18.33 -24.20 11.29
C GLU A 642 17.30 -23.19 10.79
N VAL A 643 16.01 -23.44 11.03
CA VAL A 643 14.98 -22.49 10.65
C VAL A 643 15.01 -21.27 11.56
N ASN A 644 15.28 -21.49 12.85
CA ASN A 644 15.39 -20.39 13.80
C ASN A 644 16.79 -19.78 13.77
N SER A 645 17.46 -19.86 12.63
CA SER A 645 18.80 -19.30 12.46
C SER A 645 18.69 -18.12 11.48
N ILE A 646 18.53 -16.93 12.04
CA ILE A 646 18.54 -15.70 11.23
C ILE A 646 20.00 -15.30 11.09
N LYS A 647 20.59 -15.60 9.93
CA LYS A 647 22.01 -15.34 9.71
C LYS A 647 22.27 -13.84 9.69
N LEU A 648 23.11 -13.36 10.60
CA LEU A 648 23.49 -11.96 10.63
C LEU A 648 24.82 -11.75 9.93
N PHE A 649 25.91 -12.16 10.57
CA PHE A 649 27.26 -11.93 10.07
C PHE A 649 28.21 -12.79 10.89
N ASP A 650 29.50 -12.66 10.58
CA ASP A 650 30.57 -13.32 11.32
C ASP A 650 31.34 -12.29 12.14
N ASP A 651 32.04 -12.78 13.16
CA ASP A 651 32.79 -11.92 14.07
C ASP A 651 34.20 -11.72 13.53
N THR A 652 35.12 -11.26 14.38
CA THR A 652 36.50 -11.02 13.93
C THR A 652 37.23 -12.32 13.68
N HIS A 653 36.87 -13.39 14.39
CA HIS A 653 37.50 -14.69 14.21
C HIS A 653 36.82 -15.56 13.17
N GLY A 654 35.74 -15.08 12.56
CA GLY A 654 35.03 -15.86 11.57
C GLY A 654 33.95 -16.78 12.10
N ARG A 655 33.59 -16.65 13.37
CA ARG A 655 32.55 -17.49 13.94
C ARG A 655 31.18 -16.88 13.65
N PRO A 656 30.26 -17.64 13.04
CA PRO A 656 28.98 -17.06 12.64
C PRO A 656 28.10 -16.72 13.83
N ILE A 657 27.46 -15.55 13.76
CA ILE A 657 26.55 -15.08 14.79
C ILE A 657 25.14 -15.10 14.22
N TYR A 658 24.22 -15.78 14.91
CA TYR A 658 22.85 -15.90 14.48
C TYR A 658 21.90 -15.66 15.64
N VAL A 659 20.66 -15.32 15.31
CA VAL A 659 19.61 -15.05 16.29
C VAL A 659 18.65 -16.24 16.28
N ARG A 660 18.34 -16.74 17.49
CA ARG A 660 17.38 -17.82 17.65
C ARG A 660 16.18 -17.34 18.46
N VAL A 661 15.02 -17.90 18.17
CA VAL A 661 13.77 -17.54 18.83
C VAL A 661 13.38 -18.67 19.76
N GLY A 662 13.37 -18.40 21.06
CA GLY A 662 13.11 -19.42 22.04
C GLY A 662 11.86 -19.20 22.87
N LYS A 663 11.69 -20.01 23.92
CA LYS A 663 10.51 -19.90 24.78
C LYS A 663 10.50 -18.57 25.52
N ASN A 664 11.65 -18.13 26.01
CA ASN A 664 11.72 -16.85 26.73
C ASN A 664 11.60 -15.67 25.78
N GLY A 665 12.25 -15.76 24.61
CA GLY A 665 12.20 -14.70 23.63
C GLY A 665 13.34 -14.80 22.65
N PRO A 666 13.46 -13.81 21.77
CA PRO A 666 14.58 -13.80 20.81
C PRO A 666 15.90 -13.56 21.52
N TYR A 667 16.89 -14.41 21.22
CA TYR A 667 18.17 -14.35 21.88
C TYR A 667 19.30 -14.55 20.87
N LEU A 668 20.38 -13.81 21.05
CA LEU A 668 21.56 -13.94 20.20
C LEU A 668 22.40 -15.13 20.63
N GLU A 669 23.06 -15.75 19.66
CA GLU A 669 23.83 -16.97 19.95
C GLU A 669 24.94 -17.14 18.92
N ARG A 670 26.10 -17.59 19.41
CA ARG A 670 27.17 -18.08 18.55
C ARG A 670 27.89 -19.20 19.28
N LEU A 671 28.61 -20.02 18.52
CA LEU A 671 29.35 -21.15 19.08
C LEU A 671 30.78 -20.72 19.36
N VAL A 672 31.11 -20.59 20.64
CA VAL A 672 32.42 -20.12 21.06
C VAL A 672 33.20 -21.31 21.63
N ALA A 673 34.50 -21.09 21.87
CA ALA A 673 35.36 -22.10 22.46
C ALA A 673 35.40 -21.94 23.98
N GLY A 674 35.44 -23.07 24.68
CA GLY A 674 35.48 -23.05 26.13
C GLY A 674 36.74 -23.67 26.71
N ASP A 675 36.61 -24.30 27.89
CA ASP A 675 37.77 -24.93 28.52
C ASP A 675 38.25 -26.13 27.70
N THR A 676 37.34 -27.03 27.37
CA THR A 676 37.65 -28.18 26.52
C THR A 676 37.54 -27.84 25.04
N GLY A 677 37.33 -26.58 24.69
CA GLY A 677 37.23 -26.17 23.30
C GLY A 677 35.82 -25.89 22.84
N GLU A 678 35.49 -26.38 21.66
CA GLU A 678 34.19 -26.22 21.04
C GLU A 678 33.33 -27.45 21.24
N PRO A 679 32.00 -27.33 21.13
CA PRO A 679 31.21 -26.13 20.90
C PRO A 679 30.52 -25.60 22.16
N THR A 680 30.89 -24.40 22.61
CA THR A 680 30.25 -23.77 23.76
C THR A 680 29.33 -22.65 23.28
N PRO A 681 28.01 -22.84 23.32
CA PRO A 681 27.09 -21.80 22.83
C PRO A 681 27.03 -20.59 23.75
N GLN A 682 27.73 -19.52 23.39
CA GLN A 682 27.63 -18.26 24.11
C GLN A 682 26.39 -17.51 23.63
N ARG A 683 25.58 -17.01 24.57
CA ARG A 683 24.29 -16.44 24.25
C ARG A 683 24.09 -15.11 24.98
N ALA A 684 23.14 -14.34 24.47
CA ALA A 684 22.72 -13.08 25.08
C ALA A 684 21.23 -12.91 24.82
N ASN A 685 20.67 -11.85 25.40
CA ASN A 685 19.25 -11.57 25.27
C ASN A 685 19.01 -10.37 24.36
N LEU A 686 17.86 -10.36 23.70
CA LEU A 686 17.50 -9.32 22.75
C LEU A 686 16.10 -8.80 23.07
N SER A 687 15.98 -7.49 23.22
CA SER A 687 14.70 -6.82 23.37
C SER A 687 14.47 -5.93 22.16
N ASP A 688 13.20 -5.62 21.89
CA ASP A 688 12.78 -4.81 20.74
C ASP A 688 13.33 -3.37 20.79
N SER A 689 14.18 -3.01 21.75
CA SER A 689 14.77 -1.68 21.78
C SER A 689 15.86 -1.51 20.73
N ILE A 690 16.46 -2.60 20.28
CA ILE A 690 17.49 -2.58 19.25
C ILE A 690 16.88 -3.17 17.99
N THR A 691 16.55 -2.29 17.04
CA THR A 691 16.05 -2.73 15.75
C THR A 691 17.12 -3.54 15.01
N PRO A 692 16.72 -4.42 14.10
CA PRO A 692 17.71 -5.28 13.43
C PRO A 692 18.80 -4.50 12.69
N ASP A 693 18.46 -3.37 12.07
CA ASP A 693 19.48 -2.59 11.38
C ASP A 693 20.46 -1.92 12.32
N GLU A 694 20.13 -1.85 13.62
CA GLU A 694 21.00 -1.24 14.62
C GLU A 694 21.80 -2.29 15.39
N LEU A 695 21.76 -3.55 14.96
CA LEU A 695 22.48 -4.63 15.64
C LEU A 695 23.73 -4.96 14.81
N THR A 696 24.74 -4.12 14.96
CA THR A 696 26.00 -4.33 14.26
C THR A 696 26.88 -5.31 15.05
N LEU A 697 28.06 -5.59 14.50
CA LEU A 697 28.99 -6.48 15.20
C LEU A 697 29.46 -5.88 16.51
N GLN A 698 29.59 -4.55 16.57
CA GLN A 698 29.99 -3.90 17.82
C GLN A 698 28.88 -4.01 18.87
N VAL A 699 27.65 -3.70 18.49
CA VAL A 699 26.54 -3.80 19.43
C VAL A 699 26.35 -5.25 19.88
N ALA A 700 26.60 -6.20 18.98
CA ALA A 700 26.51 -7.61 19.35
C ALA A 700 27.59 -7.99 20.35
N GLU A 701 28.82 -7.53 20.12
CA GLU A 701 29.91 -7.84 21.05
C GLU A 701 29.76 -7.13 22.39
N GLU A 702 28.99 -6.04 22.43
CA GLU A 702 28.76 -5.34 23.69
C GLU A 702 27.91 -6.18 24.63
N LEU A 703 26.70 -6.55 24.19
CA LEU A 703 25.82 -7.35 25.03
C LEU A 703 26.28 -8.80 25.17
N PHE A 704 27.26 -9.23 24.37
CA PHE A 704 27.84 -10.56 24.57
C PHE A 704 28.68 -10.60 25.86
N ALA A 705 29.47 -9.55 26.11
CA ALA A 705 30.27 -9.50 27.32
C ALA A 705 29.39 -9.32 28.55
N THR A 706 28.66 -8.21 28.62
CA THR A 706 27.76 -7.95 29.74
C THR A 706 26.68 -6.95 29.35
#